data_7XXH
#
_entry.id   7XXH
#
_cell.length_a   1.00
_cell.length_b   1.00
_cell.length_c   1.00
_cell.angle_alpha   90.00
_cell.angle_beta   90.00
_cell.angle_gamma   90.00
#
_symmetry.space_group_name_H-M   'P 1'
#
loop_
_entity.id
_entity.type
_entity.pdbx_description
1 polymer 'P2Y purinoceptor 1'
2 polymer 'Guanine nucleotide-binding protein G(11) subunit alpha'
3 polymer 'Guanine nucleotide-binding protein G(I)/G(S)/G(T) subunit beta-1'
4 polymer 'Guanine nucleotide-binding protein G(I)/G(S)/G(O) subunit gamma-2'
5 polymer scfv16
6 non-polymer "2-(methylsulfanyl)adenosine 5'-(trihydrogen diphosphate)"
#
loop_
_entity_poly.entity_id
_entity_poly.type
_entity_poly.pdbx_seq_one_letter_code
_entity_poly.pdbx_strand_id
1 'polypeptide(L)'
;GAPTEVLWPAVPNGTDAAFLAGPGSSWGNSTVASTAAVSSSFKCALTKTGFQFYYLPAVYILVFIIGFLGNSVAIWMFVF
HMKPWSGISVYMFNLALADFLYVLTLPALIFYYFNKTDWIFGDAMCKLQRFIFHVNLYGSILFLTCISAHRYSGVVYPLK
SLGRLKKKNAICISVLVWLIVVVAISPILFYSGTGVRKNKTITCYDTTSDEYLRSYFIYSMCTTVAMFCVPLVLILGCYG
LIVRALIYKDLDNSPLRRKSIYLVIIVLTVFAVSYIPFHVMKTMNLRARLDFQTPAMCAFNDRVYATYQVTRGLASLNSC
VDPILYFLAGDTFRRRLSRATRKASRRSEANLQSKSEDMTLNILPEFKQNGDTSLEFLEVLFQGPGSWSHPQFEKGSGAG
ASAGSWSHPQFEK
;
R
2 'polypeptide(L)'
;MGCTLSAEDKAAVERSKMIDRNLRRDKRDARRELKLLLLGTGESGKSTFIKQMRIIHGAGYSEEDKRGFTKLVYQNIFTA
MQAMIRAMETLKILYKYEQNKANALLIREVDVEKVTTFEHQYVSAIKTLWEDPGIQECYDRRREYQLSDSAKYYLTDVDR
IATLGYLPTQQDVLRVRVPTTGIIEYPFDLENIIFRMVDVGGQRSERRKWIHCFENVTSIMFLVALSEYDQVLVESDNEN
RMEESKALFRTIITYPWFQNSSVILFLNKKDLLEDKILYSHLVDYFPEFDGPQRDAQAAREFILKMFVDLNPDSDKIIYS
HFTCATDTENIRFVFAAVKDTILQLNLKEYNLV
;
A
3 'polypeptide(L)'
;MHHHHHHSELDQLRQEAEQLKNQIRDARKACADATLSQITNNIDPVGRIQMRTRRTLRGHLAKIYAMHWGTDSRLLVSAS
QDGKLIIWDSYTTNKVHAIPLRSSWVMTCAYAPSGNYVACGGLDNICSIYNLKTREGNVRVSRELAGHTGYLSCCRFLDD
NQIVTSSGDTTCALWDIETGQQTTTFTGHTGDVMSLSLAPDTRLFVSGACDASAKLWDVREGMCRQTFTGHESDINAICF
FPNGNAFATGSDDATCRLFDLRADQELMTYSHDNIICGITSVSFSKSGRLLLAGYDDFNCNVWDALKADRAGVLAGHDNR
VSCLGVTDDGMAVATGSWDSFLKIWN
;
B
4 'polypeptide(L)' MASNNTASIAQARKLVEQLKMEANIDRIKVSKAAADLMAYCEAHAKEDPLLTPVPASENPFREKKFFCAIL G
5 'polypeptide(L)'
;DVQLVESGGGLVQPGGSRKLSCSASGFAFSSFGMHWVRQAPEKGLEWVAYISSGSGTIYYADTVKGRFTISRDDPKNTLF
LQMTSLRSEDTAMYYCVRSIYYYGSSPFDFWGQGTTLTVSSGGGGSGGGGSGGGGSDIVMTQATSSVPVTPGESVSISCR
SSKSLLHSNGNTYLYWFLQRPGQSPQLLIYRMSNLASGVPDRFSGSGSGTAFTLTISRLEAEDVGVYYCMQHLEYPLTFG
AGTKLEL
;
H
#
loop_
_chem_comp.id
_chem_comp.type
_chem_comp.name
_chem_comp.formula
6AD non-polymer '2-(methylsulfanyl)adenosine 5'-(trihydrogen diphosphate)' 'C11 H17 N5 O10 P2 S'
#
# COMPACT_ATOMS: atom_id res chain seq x y z
N PHE A 42 16.92 -70.95 -2.83
CA PHE A 42 15.55 -70.64 -3.22
C PHE A 42 15.11 -69.30 -2.64
N LYS A 43 13.80 -69.06 -2.64
CA LYS A 43 13.23 -67.82 -2.13
C LYS A 43 12.06 -68.13 -1.22
N CYS A 44 11.90 -67.32 -0.17
CA CYS A 44 10.80 -67.49 0.78
C CYS A 44 9.56 -66.75 0.26
N ALA A 45 8.95 -67.34 -0.77
CA ALA A 45 7.77 -66.74 -1.36
C ALA A 45 6.60 -66.72 -0.39
N LEU A 46 6.41 -67.79 0.37
CA LEU A 46 5.31 -67.87 1.32
C LEU A 46 5.51 -66.90 2.47
N THR A 47 4.43 -66.22 2.86
CA THR A 47 4.45 -65.27 3.97
C THR A 47 3.48 -65.76 5.03
N LYS A 48 4.02 -66.24 6.15
CA LYS A 48 3.18 -66.75 7.23
C LYS A 48 2.52 -65.63 8.01
N THR A 49 3.15 -64.45 8.07
CA THR A 49 2.65 -63.34 8.88
C THR A 49 1.57 -62.58 8.10
N GLY A 50 0.35 -63.12 8.15
CA GLY A 50 -0.79 -62.46 7.57
C GLY A 50 -1.43 -61.39 8.43
N PHE A 51 -0.96 -61.25 9.67
CA PHE A 51 -1.49 -60.21 10.56
C PHE A 51 -1.21 -58.82 10.02
N GLN A 52 -0.07 -58.63 9.36
CA GLN A 52 0.23 -57.34 8.76
C GLN A 52 -0.79 -56.99 7.68
N PHE A 53 -1.06 -57.93 6.77
CA PHE A 53 -2.03 -57.68 5.71
C PHE A 53 -3.46 -57.64 6.23
N TYR A 54 -3.71 -58.18 7.43
CA TYR A 54 -5.04 -58.10 8.02
C TYR A 54 -5.29 -56.79 8.75
N TYR A 55 -4.28 -56.26 9.45
CA TYR A 55 -4.44 -55.04 10.23
C TYR A 55 -4.13 -53.78 9.44
N LEU A 56 -3.33 -53.91 8.38
CA LEU A 56 -2.93 -52.76 7.58
C LEU A 56 -4.09 -52.03 6.90
N PRO A 57 -5.08 -52.69 6.28
CA PRO A 57 -6.19 -51.93 5.69
C PRO A 57 -6.94 -51.07 6.70
N ALA A 58 -7.08 -51.53 7.94
CA ALA A 58 -7.80 -50.75 8.94
C ALA A 58 -7.07 -49.47 9.28
N VAL A 59 -5.75 -49.55 9.48
CA VAL A 59 -5.00 -48.35 9.82
C VAL A 59 -4.97 -47.39 8.63
N TYR A 60 -4.84 -47.92 7.41
CA TYR A 60 -4.89 -47.03 6.25
C TYR A 60 -6.26 -46.37 6.08
N ILE A 61 -7.35 -47.10 6.32
CA ILE A 61 -8.65 -46.47 6.13
C ILE A 61 -8.93 -45.43 7.21
N LEU A 62 -8.48 -45.68 8.44
CA LEU A 62 -8.61 -44.68 9.49
C LEU A 62 -7.80 -43.44 9.15
N VAL A 63 -6.55 -43.64 8.71
CA VAL A 63 -5.72 -42.51 8.26
C VAL A 63 -6.41 -41.78 7.12
N PHE A 64 -6.99 -42.54 6.18
CA PHE A 64 -7.69 -41.93 5.05
C PHE A 64 -8.79 -41.00 5.52
N ILE A 65 -9.67 -41.48 6.40
CA ILE A 65 -10.81 -40.64 6.80
C ILE A 65 -10.35 -39.43 7.60
N ILE A 66 -9.45 -39.62 8.56
CA ILE A 66 -9.06 -38.50 9.41
C ILE A 66 -8.27 -37.46 8.61
N GLY A 67 -7.34 -37.92 7.78
CA GLY A 67 -6.58 -37.01 6.94
C GLY A 67 -7.44 -36.35 5.87
N PHE A 68 -8.49 -37.04 5.40
CA PHE A 68 -9.38 -36.43 4.42
C PHE A 68 -10.12 -35.25 5.03
N LEU A 69 -10.71 -35.44 6.22
CA LEU A 69 -11.38 -34.31 6.88
C LEU A 69 -10.38 -33.20 7.21
N GLY A 70 -9.20 -33.56 7.74
CA GLY A 70 -8.23 -32.53 8.11
C GLY A 70 -7.75 -31.73 6.91
N ASN A 71 -7.40 -32.42 5.82
CA ASN A 71 -6.94 -31.73 4.62
C ASN A 71 -8.04 -30.91 4.00
N SER A 72 -9.29 -31.42 4.01
CA SER A 72 -10.39 -30.64 3.45
C SER A 72 -10.58 -29.33 4.19
N VAL A 73 -10.60 -29.38 5.52
CA VAL A 73 -10.81 -28.14 6.28
C VAL A 73 -9.60 -27.22 6.14
N ALA A 74 -8.39 -27.78 6.12
CA ALA A 74 -7.20 -26.95 5.99
C ALA A 74 -7.16 -26.24 4.64
N ILE A 75 -7.45 -26.96 3.56
CA ILE A 75 -7.46 -26.34 2.23
C ILE A 75 -8.58 -25.32 2.13
N TRP A 76 -9.74 -25.61 2.73
CA TRP A 76 -10.85 -24.65 2.66
C TRP A 76 -10.50 -23.34 3.36
N MET A 77 -9.89 -23.44 4.56
CA MET A 77 -9.29 -22.27 5.19
C MET A 77 -8.31 -21.56 4.27
N PHE A 78 -7.36 -22.32 3.70
CA PHE A 78 -6.26 -21.69 2.97
C PHE A 78 -6.76 -20.99 1.71
N VAL A 79 -7.80 -21.52 1.08
CA VAL A 79 -8.23 -20.97 -0.20
C VAL A 79 -9.32 -19.90 -0.07
N PHE A 80 -10.09 -19.87 1.02
CA PHE A 80 -11.02 -18.77 1.22
C PHE A 80 -10.62 -17.81 2.33
N HIS A 81 -10.37 -18.30 3.55
CA HIS A 81 -10.34 -17.44 4.72
C HIS A 81 -8.94 -16.94 5.09
N MET A 82 -8.01 -16.91 4.14
CA MET A 82 -6.76 -16.16 4.27
C MET A 82 -6.48 -15.42 2.96
N LYS A 83 -6.73 -14.11 2.99
CA LYS A 83 -6.31 -13.22 1.92
C LYS A 83 -4.82 -12.90 2.05
N PRO A 84 -4.31 -12.52 3.23
CA PRO A 84 -2.87 -12.30 3.36
C PRO A 84 -2.13 -13.62 3.56
N TRP A 85 -0.99 -13.76 2.88
CA TRP A 85 -0.18 -14.97 2.94
C TRP A 85 1.29 -14.59 3.13
N SER A 86 2.05 -15.52 3.70
CA SER A 86 3.48 -15.33 3.94
C SER A 86 4.24 -16.57 3.46
N GLY A 87 5.56 -16.55 3.65
CA GLY A 87 6.37 -17.68 3.23
C GLY A 87 6.05 -18.94 4.01
N ILE A 88 5.92 -18.83 5.33
CA ILE A 88 5.50 -19.99 6.11
C ILE A 88 4.07 -20.38 5.74
N SER A 89 3.24 -19.41 5.36
CA SER A 89 1.88 -19.73 4.96
C SER A 89 1.85 -20.54 3.67
N VAL A 90 2.64 -20.13 2.67
CA VAL A 90 2.67 -20.90 1.43
C VAL A 90 3.35 -22.25 1.64
N TYR A 91 4.33 -22.32 2.54
CA TYR A 91 4.92 -23.62 2.86
C TYR A 91 3.88 -24.57 3.48
N MET A 92 3.08 -24.06 4.42
CA MET A 92 2.04 -24.88 5.01
C MET A 92 0.96 -25.25 3.99
N PHE A 93 0.64 -24.33 3.08
CA PHE A 93 -0.32 -24.64 2.02
C PHE A 93 0.20 -25.73 1.11
N ASN A 94 1.49 -25.68 0.75
CA ASN A 94 2.07 -26.73 -0.07
C ASN A 94 2.07 -28.06 0.65
N LEU A 95 2.38 -28.05 1.96
CA LEU A 95 2.34 -29.29 2.73
C LEU A 95 0.93 -29.85 2.79
N ALA A 96 -0.07 -28.98 2.96
CA ALA A 96 -1.46 -29.43 3.00
C ALA A 96 -1.89 -30.00 1.65
N LEU A 97 -1.46 -29.37 0.56
CA LEU A 97 -1.79 -29.90 -0.77
C LEU A 97 -1.13 -31.25 -1.00
N ALA A 98 0.12 -31.41 -0.56
CA ALA A 98 0.79 -32.70 -0.67
C ALA A 98 0.07 -33.76 0.15
N ASP A 99 -0.37 -33.41 1.36
CA ASP A 99 -1.11 -34.37 2.17
C ASP A 99 -2.48 -34.68 1.57
N PHE A 100 -3.11 -33.72 0.91
CA PHE A 100 -4.37 -33.98 0.21
C PHE A 100 -4.17 -34.96 -0.93
N LEU A 101 -3.10 -34.78 -1.72
CA LEU A 101 -2.78 -35.73 -2.76
C LEU A 101 -2.48 -37.11 -2.16
N TYR A 102 -1.79 -37.13 -1.03
CA TYR A 102 -1.53 -38.39 -0.31
C TYR A 102 -2.84 -39.07 0.07
N VAL A 103 -3.77 -38.34 0.68
CA VAL A 103 -4.98 -38.97 1.19
C VAL A 103 -5.89 -39.40 0.04
N LEU A 104 -5.85 -38.70 -1.09
CA LEU A 104 -6.53 -39.21 -2.28
C LEU A 104 -5.81 -40.39 -2.90
N THR A 105 -4.51 -40.57 -2.62
CA THR A 105 -3.82 -41.78 -3.05
C THR A 105 -4.18 -42.97 -2.17
N LEU A 106 -4.47 -42.73 -0.88
CA LEU A 106 -4.78 -43.82 0.04
C LEU A 106 -5.86 -44.80 -0.44
N PRO A 107 -7.02 -44.38 -0.95
CA PRO A 107 -8.09 -45.35 -1.23
C PRO A 107 -7.69 -46.46 -2.19
N ALA A 108 -6.86 -46.16 -3.18
CA ALA A 108 -6.41 -47.19 -4.11
C ALA A 108 -5.63 -48.28 -3.37
N LEU A 109 -4.69 -47.88 -2.52
CA LEU A 109 -3.93 -48.85 -1.74
C LEU A 109 -4.81 -49.57 -0.73
N ILE A 110 -5.81 -48.87 -0.19
CA ILE A 110 -6.72 -49.49 0.77
C ILE A 110 -7.50 -50.63 0.10
N PHE A 111 -8.02 -50.37 -1.09
CA PHE A 111 -8.74 -51.41 -1.82
C PHE A 111 -7.80 -52.50 -2.31
N TYR A 112 -6.55 -52.14 -2.63
CA TYR A 112 -5.57 -53.13 -3.07
C TYR A 112 -5.20 -54.08 -1.94
N TYR A 113 -5.09 -53.57 -0.72
CA TYR A 113 -4.70 -54.37 0.44
C TYR A 113 -5.88 -54.94 1.20
N PHE A 114 -7.11 -54.72 0.71
CA PHE A 114 -8.30 -55.14 1.46
C PHE A 114 -8.46 -56.66 1.44
N ASN A 115 -8.64 -57.23 0.24
CA ASN A 115 -8.90 -58.67 0.14
C ASN A 115 -7.60 -59.47 0.19
N LYS A 116 -6.69 -59.22 -0.74
CA LYS A 116 -5.42 -59.92 -0.80
C LYS A 116 -4.47 -59.11 -1.67
N THR A 117 -3.28 -59.67 -1.93
CA THR A 117 -2.28 -58.99 -2.76
C THR A 117 -2.66 -59.12 -4.23
N ASP A 118 -3.69 -58.36 -4.60
CA ASP A 118 -4.22 -58.37 -5.96
C ASP A 118 -4.59 -56.96 -6.38
N TRP A 119 -4.19 -56.58 -7.59
CA TRP A 119 -4.50 -55.27 -8.16
C TRP A 119 -5.50 -55.47 -9.30
N ILE A 120 -6.74 -55.02 -9.09
CA ILE A 120 -7.79 -55.25 -10.07
C ILE A 120 -7.54 -54.44 -11.34
N PHE A 121 -7.02 -53.22 -11.20
CA PHE A 121 -6.82 -52.34 -12.34
C PHE A 121 -5.59 -52.79 -13.13
N GLY A 122 -5.22 -52.00 -14.14
CA GLY A 122 -4.09 -52.33 -14.98
C GLY A 122 -2.76 -51.89 -14.40
N ASP A 123 -1.72 -52.08 -15.21
CA ASP A 123 -0.37 -51.69 -14.79
C ASP A 123 -0.24 -50.19 -14.67
N ALA A 124 -0.92 -49.43 -15.55
CA ALA A 124 -0.82 -47.98 -15.52
C ALA A 124 -1.36 -47.40 -14.22
N MET A 125 -2.46 -47.95 -13.72
CA MET A 125 -3.04 -47.44 -12.47
C MET A 125 -2.10 -47.68 -11.29
N CYS A 126 -1.53 -48.88 -11.20
CA CYS A 126 -0.55 -49.16 -10.16
C CYS A 126 0.66 -48.25 -10.28
N LYS A 127 1.16 -48.06 -11.50
CA LYS A 127 2.29 -47.19 -11.73
C LYS A 127 2.02 -45.78 -11.22
N LEU A 128 0.89 -45.20 -11.65
CA LEU A 128 0.55 -43.83 -11.27
C LEU A 128 0.33 -43.71 -9.76
N GLN A 129 -0.37 -44.69 -9.17
CA GLN A 129 -0.65 -44.62 -7.74
C GLN A 129 0.64 -44.69 -6.92
N ARG A 130 1.54 -45.62 -7.27
CA ARG A 130 2.80 -45.70 -6.54
C ARG A 130 3.64 -44.45 -6.73
N PHE A 131 3.66 -43.90 -7.95
CA PHE A 131 4.44 -42.70 -8.21
C PHE A 131 3.92 -41.53 -7.39
N ILE A 132 2.60 -41.31 -7.38
CA ILE A 132 2.05 -40.19 -6.64
C ILE A 132 2.21 -40.41 -5.14
N PHE A 133 2.09 -41.66 -4.68
CA PHE A 133 2.33 -41.96 -3.28
C PHE A 133 3.74 -41.56 -2.85
N HIS A 134 4.74 -42.03 -3.60
CA HIS A 134 6.13 -41.73 -3.23
C HIS A 134 6.43 -40.24 -3.35
N VAL A 135 5.95 -39.59 -4.41
CA VAL A 135 6.26 -38.18 -4.60
C VAL A 135 5.59 -37.33 -3.53
N ASN A 136 4.37 -37.69 -3.12
CA ASN A 136 3.69 -36.97 -2.05
C ASN A 136 4.40 -37.17 -0.72
N LEU A 137 4.85 -38.40 -0.43
CA LEU A 137 5.59 -38.63 0.80
C LEU A 137 6.85 -37.78 0.85
N TYR A 138 7.64 -37.81 -0.23
CA TYR A 138 8.90 -37.07 -0.23
C TYR A 138 8.66 -35.55 -0.26
N GLY A 139 7.61 -35.10 -0.94
CA GLY A 139 7.29 -33.68 -0.91
C GLY A 139 6.84 -33.22 0.46
N SER A 140 6.10 -34.06 1.18
CA SER A 140 5.73 -33.73 2.55
C SER A 140 6.96 -33.64 3.45
N ILE A 141 7.90 -34.57 3.30
CA ILE A 141 9.12 -34.53 4.09
C ILE A 141 9.90 -33.24 3.79
N LEU A 142 10.03 -32.91 2.50
CA LEU A 142 10.76 -31.71 2.12
C LEU A 142 10.05 -30.44 2.57
N PHE A 143 8.72 -30.43 2.57
CA PHE A 143 7.98 -29.27 3.04
C PHE A 143 8.14 -29.10 4.55
N LEU A 144 8.18 -30.21 5.29
CA LEU A 144 8.48 -30.12 6.72
C LEU A 144 9.87 -29.56 6.95
N THR A 145 10.84 -30.01 6.14
CA THR A 145 12.20 -29.47 6.25
C THR A 145 12.24 -27.98 5.94
N CYS A 146 11.53 -27.55 4.90
CA CYS A 146 11.50 -26.14 4.55
C CYS A 146 10.83 -25.30 5.62
N ILE A 147 9.73 -25.80 6.20
CA ILE A 147 9.07 -25.10 7.28
C ILE A 147 10.00 -24.97 8.48
N SER A 148 10.74 -26.04 8.79
CA SER A 148 11.69 -25.97 9.90
C SER A 148 12.80 -24.96 9.62
N ALA A 149 13.30 -24.93 8.39
CA ALA A 149 14.33 -23.95 8.03
C ALA A 149 13.81 -22.53 8.15
N HIS A 150 12.59 -22.30 7.69
CA HIS A 150 11.98 -20.97 7.81
C HIS A 150 11.82 -20.58 9.28
N ARG A 151 11.36 -21.51 10.12
CA ARG A 151 11.21 -21.23 11.54
C ARG A 151 12.56 -20.95 12.19
N TYR A 152 13.59 -21.70 11.82
CA TYR A 152 14.93 -21.47 12.35
C TYR A 152 15.42 -20.09 11.98
N SER A 153 15.24 -19.69 10.71
CA SER A 153 15.67 -18.37 10.27
C SER A 153 14.89 -17.27 10.99
N GLY A 154 13.60 -17.47 11.20
CA GLY A 154 12.79 -16.44 11.84
C GLY A 154 12.89 -16.39 13.35
N VAL A 155 13.42 -17.43 13.98
CA VAL A 155 13.51 -17.50 15.43
C VAL A 155 14.93 -17.24 15.93
N VAL A 156 15.92 -17.97 15.40
CA VAL A 156 17.28 -17.83 15.90
C VAL A 156 17.86 -16.46 15.51
N TYR A 157 17.56 -16.00 14.30
CA TYR A 157 18.00 -14.69 13.82
C TYR A 157 16.80 -13.93 13.28
N PRO A 158 15.91 -13.46 14.15
CA PRO A 158 14.70 -12.77 13.67
C PRO A 158 15.01 -11.45 12.98
N LEU A 159 15.78 -10.58 13.64
CA LEU A 159 16.10 -9.29 13.06
C LEU A 159 17.08 -9.43 11.90
N LYS A 160 18.00 -10.40 11.97
CA LYS A 160 18.93 -10.61 10.86
C LYS A 160 18.22 -11.11 9.61
N SER A 161 17.20 -11.93 9.77
CA SER A 161 16.43 -12.46 8.66
C SER A 161 15.21 -11.61 8.33
N LEU A 162 14.98 -10.53 9.07
CA LEU A 162 13.86 -9.63 8.77
C LEU A 162 14.08 -8.97 7.43
N GLY A 163 13.17 -9.21 6.48
CA GLY A 163 13.30 -8.70 5.14
C GLY A 163 14.10 -9.56 4.19
N ARG A 164 14.79 -10.59 4.70
CA ARG A 164 15.54 -11.49 3.83
C ARG A 164 14.63 -12.48 3.12
N LEU A 165 13.53 -12.87 3.76
CA LEU A 165 12.59 -13.83 3.18
C LEU A 165 11.43 -13.08 2.54
N LYS A 166 11.17 -13.37 1.28
CA LYS A 166 10.13 -12.69 0.52
C LYS A 166 9.12 -13.71 -0.01
N LYS A 167 8.00 -13.20 -0.50
CA LYS A 167 7.01 -14.05 -1.15
C LYS A 167 7.59 -14.70 -2.41
N LYS A 168 8.30 -13.92 -3.22
CA LYS A 168 8.91 -14.45 -4.43
C LYS A 168 9.96 -15.50 -4.11
N ASN A 169 10.78 -15.26 -3.09
CA ASN A 169 11.79 -16.23 -2.69
C ASN A 169 11.14 -17.53 -2.22
N ALA A 170 10.08 -17.42 -1.41
CA ALA A 170 9.38 -18.62 -0.94
C ALA A 170 8.78 -19.40 -2.11
N ILE A 171 8.16 -18.68 -3.05
CA ILE A 171 7.56 -19.35 -4.21
C ILE A 171 8.63 -20.03 -5.05
N CYS A 172 9.78 -19.37 -5.24
CA CYS A 172 10.87 -19.97 -6.00
C CYS A 172 11.39 -21.22 -5.32
N ILE A 173 11.58 -21.17 -4.00
CA ILE A 173 12.05 -22.34 -3.27
C ILE A 173 11.03 -23.47 -3.37
N SER A 174 9.74 -23.14 -3.26
CA SER A 174 8.70 -24.16 -3.35
C SER A 174 8.70 -24.83 -4.72
N VAL A 175 8.72 -24.04 -5.80
CA VAL A 175 8.69 -24.65 -7.12
C VAL A 175 9.98 -25.44 -7.37
N LEU A 176 11.11 -24.96 -6.85
CA LEU A 176 12.35 -25.71 -7.00
C LEU A 176 12.24 -27.07 -6.32
N VAL A 177 11.65 -27.12 -5.11
CA VAL A 177 11.56 -28.39 -4.41
C VAL A 177 10.55 -29.30 -5.10
N TRP A 178 9.45 -28.76 -5.63
CA TRP A 178 8.55 -29.59 -6.44
C TRP A 178 9.28 -30.23 -7.61
N LEU A 179 10.01 -29.43 -8.40
CA LEU A 179 10.70 -30.00 -9.55
C LEU A 179 11.77 -31.00 -9.13
N ILE A 180 12.52 -30.72 -8.06
CA ILE A 180 13.58 -31.64 -7.67
C ILE A 180 12.99 -32.96 -7.17
N VAL A 181 11.87 -32.91 -6.44
CA VAL A 181 11.23 -34.13 -5.98
C VAL A 181 10.65 -34.91 -7.17
N VAL A 182 10.08 -34.20 -8.14
CA VAL A 182 9.53 -34.88 -9.31
C VAL A 182 10.63 -35.58 -10.09
N VAL A 183 11.75 -34.91 -10.31
CA VAL A 183 12.84 -35.54 -11.06
C VAL A 183 13.55 -36.61 -10.26
N ALA A 184 13.46 -36.57 -8.92
CA ALA A 184 14.01 -37.64 -8.10
C ALA A 184 13.12 -38.87 -8.05
N ILE A 185 11.79 -38.69 -8.14
CA ILE A 185 10.87 -39.83 -8.13
C ILE A 185 10.61 -40.35 -9.54
N SER A 186 10.97 -39.61 -10.59
CA SER A 186 10.85 -40.15 -11.94
C SER A 186 11.61 -41.45 -12.15
N PRO A 187 12.84 -41.65 -11.64
CA PRO A 187 13.42 -42.99 -11.71
C PRO A 187 12.62 -44.03 -10.95
N ILE A 188 11.98 -43.65 -9.84
CA ILE A 188 11.06 -44.56 -9.16
C ILE A 188 9.88 -44.88 -10.07
N LEU A 189 9.40 -43.87 -10.81
CA LEU A 189 8.33 -44.08 -11.78
C LEU A 189 8.74 -45.11 -12.83
N PHE A 190 9.98 -45.01 -13.32
CA PHE A 190 10.45 -45.98 -14.31
C PHE A 190 10.62 -47.37 -13.71
N TYR A 191 11.12 -47.44 -12.47
CA TYR A 191 11.44 -48.73 -11.87
C TYR A 191 10.18 -49.49 -11.43
N SER A 192 9.08 -48.79 -11.18
CA SER A 192 7.87 -49.44 -10.73
C SER A 192 7.27 -50.30 -11.84
N GLY A 193 6.41 -51.22 -11.44
CA GLY A 193 5.76 -52.09 -12.41
C GLY A 193 4.87 -53.10 -11.70
N THR A 194 4.27 -53.98 -12.51
CA THR A 194 3.41 -55.04 -12.03
C THR A 194 3.98 -56.38 -12.48
N GLY A 195 4.00 -57.34 -11.56
CA GLY A 195 4.55 -58.65 -11.86
C GLY A 195 3.62 -59.76 -11.40
N VAL A 196 3.66 -60.87 -12.13
CA VAL A 196 2.84 -62.03 -11.82
C VAL A 196 3.48 -62.81 -10.69
N ARG A 197 2.70 -63.11 -9.65
CA ARG A 197 3.17 -63.85 -8.49
C ARG A 197 2.76 -65.32 -8.60
N LYS A 198 3.34 -66.13 -7.73
CA LYS A 198 3.03 -67.56 -7.72
C LYS A 198 1.62 -67.86 -7.25
N ASN A 199 0.94 -66.89 -6.65
CA ASN A 199 -0.43 -67.05 -6.16
C ASN A 199 -1.48 -66.72 -7.21
N LYS A 200 -1.07 -66.52 -8.47
CA LYS A 200 -1.95 -66.19 -9.58
C LYS A 200 -2.68 -64.86 -9.36
N THR A 201 -2.10 -63.97 -8.57
CA THR A 201 -2.66 -62.65 -8.32
C THR A 201 -1.65 -61.58 -8.73
N ILE A 202 -2.14 -60.56 -9.43
CA ILE A 202 -1.27 -59.48 -9.88
C ILE A 202 -0.80 -58.67 -8.68
N THR A 203 0.51 -58.47 -8.58
CA THR A 203 1.10 -57.75 -7.46
C THR A 203 1.50 -56.35 -7.92
N CYS A 204 0.98 -55.34 -7.23
CA CYS A 204 1.30 -53.94 -7.54
C CYS A 204 2.63 -53.60 -6.88
N TYR A 205 3.71 -54.03 -7.54
CA TYR A 205 5.05 -53.84 -7.00
C TYR A 205 5.39 -52.36 -6.99
N ASP A 206 5.45 -51.77 -5.79
CA ASP A 206 5.78 -50.37 -5.66
C ASP A 206 7.26 -50.08 -5.87
N THR A 207 8.13 -51.08 -5.71
CA THR A 207 9.57 -50.88 -5.80
C THR A 207 10.19 -51.60 -6.98
N THR A 208 10.03 -52.92 -7.07
CA THR A 208 10.70 -53.70 -8.10
C THR A 208 9.93 -54.99 -8.35
N SER A 209 9.96 -55.45 -9.60
CA SER A 209 9.39 -56.74 -9.97
C SER A 209 10.44 -57.85 -9.99
N ASP A 210 11.46 -57.73 -9.14
CA ASP A 210 12.54 -58.72 -9.03
C ASP A 210 13.27 -58.89 -10.36
N GLU A 211 13.51 -57.78 -11.05
CA GLU A 211 14.24 -57.78 -12.31
C GLU A 211 15.51 -56.94 -12.25
N TYR A 212 15.42 -55.72 -11.74
CA TYR A 212 16.56 -54.83 -11.60
C TYR A 212 16.84 -54.55 -10.13
N LEU A 213 16.84 -55.62 -9.33
CA LEU A 213 16.84 -55.46 -7.87
C LEU A 213 18.10 -54.77 -7.37
N ARG A 214 19.26 -55.11 -7.94
CA ARG A 214 20.51 -54.52 -7.46
C ARG A 214 20.61 -53.04 -7.83
N SER A 215 20.32 -52.71 -9.09
CA SER A 215 20.35 -51.32 -9.52
C SER A 215 19.30 -50.49 -8.79
N TYR A 216 18.10 -51.04 -8.61
CA TYR A 216 17.08 -50.33 -7.85
C TYR A 216 17.52 -50.13 -6.42
N PHE A 217 18.15 -51.13 -5.81
CA PHE A 217 18.60 -51.01 -4.43
C PHE A 217 19.63 -49.92 -4.28
N ILE A 218 20.62 -49.89 -5.18
CA ILE A 218 21.66 -48.87 -5.06
C ILE A 218 21.10 -47.48 -5.32
N TYR A 219 20.22 -47.34 -6.32
CA TYR A 219 19.62 -46.04 -6.60
C TYR A 219 18.76 -45.58 -5.43
N SER A 220 17.95 -46.48 -4.86
CA SER A 220 17.09 -46.13 -3.75
C SER A 220 17.89 -45.76 -2.51
N MET A 221 18.98 -46.49 -2.25
CA MET A 221 19.83 -46.15 -1.11
C MET A 221 20.45 -44.78 -1.30
N CYS A 222 20.97 -44.48 -2.50
CA CYS A 222 21.58 -43.18 -2.75
C CYS A 222 20.55 -42.06 -2.61
N THR A 223 19.37 -42.24 -3.20
CA THR A 223 18.34 -41.20 -3.13
C THR A 223 17.85 -41.02 -1.70
N THR A 224 17.63 -42.12 -0.98
CA THR A 224 17.17 -42.02 0.41
C THR A 224 18.20 -41.30 1.26
N VAL A 225 19.48 -41.65 1.11
CA VAL A 225 20.52 -40.94 1.85
C VAL A 225 20.48 -39.45 1.53
N ALA A 226 20.58 -39.11 0.24
CA ALA A 226 20.73 -37.73 -0.16
C ALA A 226 19.54 -36.87 0.25
N MET A 227 18.32 -37.39 0.10
CA MET A 227 17.12 -36.59 0.32
C MET A 227 16.43 -36.90 1.65
N PHE A 228 17.06 -37.70 2.52
CA PHE A 228 16.55 -37.89 3.86
C PHE A 228 17.56 -37.51 4.94
N CYS A 229 18.81 -37.99 4.84
CA CYS A 229 19.77 -37.75 5.90
C CYS A 229 20.13 -36.26 6.00
N VAL A 230 20.42 -35.64 4.86
CA VAL A 230 20.64 -34.19 4.85
C VAL A 230 19.41 -33.44 5.33
N PRO A 231 18.19 -33.73 4.85
CA PRO A 231 17.01 -33.18 5.53
C PRO A 231 16.89 -33.60 6.98
N LEU A 232 17.33 -34.80 7.34
CA LEU A 232 17.31 -35.19 8.76
C LEU A 232 18.28 -34.35 9.57
N VAL A 233 19.48 -34.12 9.02
CA VAL A 233 20.43 -33.24 9.69
C VAL A 233 19.85 -31.85 9.85
N LEU A 234 19.21 -31.34 8.79
CA LEU A 234 18.61 -30.01 8.84
C LEU A 234 17.52 -29.94 9.89
N ILE A 235 16.61 -30.92 9.91
CA ILE A 235 15.49 -30.88 10.85
C ILE A 235 16.01 -30.96 12.29
N LEU A 236 16.96 -31.87 12.55
CA LEU A 236 17.49 -32.01 13.90
C LEU A 236 18.22 -30.76 14.35
N GLY A 237 19.11 -30.23 13.49
CA GLY A 237 19.85 -29.05 13.87
C GLY A 237 18.97 -27.83 14.07
N CYS A 238 18.00 -27.64 13.18
CA CYS A 238 17.11 -26.48 13.31
C CYS A 238 16.26 -26.56 14.57
N TYR A 239 15.67 -27.73 14.85
CA TYR A 239 14.89 -27.84 16.08
C TYR A 239 15.76 -27.70 17.33
N GLY A 240 16.96 -28.28 17.32
CA GLY A 240 17.85 -28.10 18.46
C GLY A 240 18.22 -26.65 18.68
N LEU A 241 18.54 -25.94 17.61
CA LEU A 241 18.95 -24.54 17.73
C LEU A 241 17.78 -23.66 18.17
N ILE A 242 16.58 -23.90 17.65
CA ILE A 242 15.45 -23.08 18.08
C ILE A 242 15.07 -23.41 19.52
N VAL A 243 15.21 -24.66 19.95
CA VAL A 243 14.97 -25.01 21.35
C VAL A 243 15.98 -24.30 22.25
N ARG A 244 17.25 -24.29 21.83
CA ARG A 244 18.28 -23.60 22.60
C ARG A 244 17.99 -22.10 22.67
N ALA A 245 17.57 -21.50 21.57
CA ALA A 245 17.21 -20.08 21.58
C ALA A 245 16.02 -19.80 22.50
N LEU A 246 15.02 -20.68 22.46
CA LEU A 246 13.84 -20.48 23.29
C LEU A 246 14.16 -20.61 24.78
N ILE A 247 14.96 -21.62 25.14
CA ILE A 247 15.32 -21.76 26.56
C ILE A 247 16.25 -20.64 26.99
N TYR A 248 17.06 -20.11 26.07
CA TYR A 248 17.93 -18.97 26.36
C TYR A 248 17.12 -17.69 26.15
N LYS A 249 16.30 -17.36 27.15
CA LYS A 249 15.43 -16.20 27.06
C LYS A 249 16.27 -14.92 27.00
N ASP A 250 15.89 -14.03 26.08
CA ASP A 250 16.62 -12.77 25.91
C ASP A 250 16.43 -11.86 27.11
N LEU A 251 15.20 -11.78 27.63
CA LEU A 251 14.88 -10.87 28.73
C LEU A 251 13.97 -11.58 29.72
N ASP A 252 13.95 -11.07 30.95
CA ASP A 252 13.08 -11.62 31.99
C ASP A 252 11.61 -11.40 31.65
N ASN A 253 11.29 -10.26 31.04
CA ASN A 253 9.91 -9.94 30.69
C ASN A 253 9.38 -10.79 29.53
N SER A 254 10.24 -11.57 28.88
CA SER A 254 9.79 -12.38 27.75
C SER A 254 8.78 -13.41 28.23
N PRO A 255 7.78 -13.74 27.42
CA PRO A 255 6.76 -14.71 27.84
C PRO A 255 7.35 -16.12 27.94
N LEU A 256 6.65 -16.96 28.71
CA LEU A 256 7.08 -18.33 28.87
C LEU A 256 7.05 -19.07 27.54
N ARG A 257 8.13 -19.77 27.23
CA ARG A 257 8.27 -20.50 25.97
C ARG A 257 8.08 -22.00 26.15
N ARG A 258 7.58 -22.44 27.30
CA ARG A 258 7.49 -23.87 27.59
C ARG A 258 6.56 -24.58 26.60
N LYS A 259 5.42 -23.96 26.28
CA LYS A 259 4.48 -24.59 25.36
C LYS A 259 5.09 -24.74 23.97
N SER A 260 5.75 -23.69 23.47
CA SER A 260 6.38 -23.76 22.16
C SER A 260 7.50 -24.79 22.14
N ILE A 261 8.29 -24.85 23.22
CA ILE A 261 9.37 -25.83 23.30
C ILE A 261 8.81 -27.24 23.28
N TYR A 262 7.73 -27.48 24.04
CA TYR A 262 7.12 -28.80 24.06
C TYR A 262 6.55 -29.16 22.68
N LEU A 263 5.94 -28.18 22.00
CA LEU A 263 5.43 -28.44 20.65
C LEU A 263 6.56 -28.81 19.70
N VAL A 264 7.68 -28.09 19.76
CA VAL A 264 8.82 -28.40 18.90
C VAL A 264 9.36 -29.79 19.20
N ILE A 265 9.48 -30.13 20.48
CA ILE A 265 10.00 -31.44 20.86
C ILE A 265 9.08 -32.56 20.37
N ILE A 266 7.76 -32.39 20.54
CA ILE A 266 6.85 -33.45 20.11
C ILE A 266 6.83 -33.56 18.59
N VAL A 267 6.94 -32.43 17.87
CA VAL A 267 7.02 -32.49 16.41
C VAL A 267 8.27 -33.25 15.98
N LEU A 268 9.41 -32.93 16.60
CA LEU A 268 10.64 -33.64 16.27
C LEU A 268 10.53 -35.12 16.59
N THR A 269 9.93 -35.47 17.72
CA THR A 269 9.80 -36.86 18.12
C THR A 269 8.91 -37.62 17.13
N VAL A 270 7.76 -37.06 16.76
CA VAL A 270 6.87 -37.76 15.86
C VAL A 270 7.49 -37.87 14.47
N PHE A 271 8.26 -36.86 14.06
CA PHE A 271 8.98 -36.96 12.79
C PHE A 271 10.04 -38.05 12.84
N ALA A 272 10.75 -38.16 13.96
CA ALA A 272 11.89 -39.09 14.04
C ALA A 272 11.43 -40.54 14.19
N VAL A 273 10.38 -40.79 14.97
CA VAL A 273 10.00 -42.17 15.30
C VAL A 273 9.34 -42.90 14.14
N SER A 274 9.04 -42.23 13.04
CA SER A 274 8.39 -42.87 11.90
C SER A 274 9.27 -42.87 10.66
N TYR A 275 9.74 -41.70 10.21
CA TYR A 275 10.44 -41.64 8.93
C TYR A 275 11.79 -42.34 9.00
N ILE A 276 12.55 -42.13 10.07
CA ILE A 276 13.83 -42.82 10.21
C ILE A 276 13.66 -44.34 10.28
N PRO A 277 12.79 -44.90 11.14
CA PRO A 277 12.59 -46.36 11.09
C PRO A 277 12.10 -46.85 9.75
N PHE A 278 11.19 -46.11 9.10
CA PHE A 278 10.68 -46.53 7.80
C PHE A 278 11.82 -46.62 6.78
N HIS A 279 12.65 -45.59 6.71
CA HIS A 279 13.75 -45.58 5.74
C HIS A 279 14.78 -46.66 6.04
N VAL A 280 15.16 -46.81 7.31
CA VAL A 280 16.20 -47.78 7.64
C VAL A 280 15.70 -49.20 7.42
N MET A 281 14.42 -49.46 7.71
CA MET A 281 13.91 -50.80 7.50
C MET A 281 13.62 -51.10 6.04
N LYS A 282 13.29 -50.07 5.24
CA LYS A 282 13.25 -50.27 3.80
C LYS A 282 14.63 -50.62 3.25
N THR A 283 15.67 -49.93 3.74
CA THR A 283 17.02 -50.27 3.34
C THR A 283 17.37 -51.70 3.74
N MET A 284 16.97 -52.11 4.95
CA MET A 284 17.21 -53.48 5.39
C MET A 284 16.45 -54.48 4.52
N ASN A 285 15.23 -54.14 4.12
CA ASN A 285 14.43 -55.04 3.28
C ASN A 285 15.09 -55.25 1.93
N LEU A 286 15.51 -54.15 1.28
CA LEU A 286 16.19 -54.29 -0.01
C LEU A 286 17.55 -54.97 0.14
N ARG A 287 18.22 -54.79 1.27
CA ARG A 287 19.45 -55.55 1.53
C ARG A 287 19.16 -57.05 1.65
N ALA A 288 18.08 -57.40 2.35
CA ALA A 288 17.73 -58.81 2.53
C ALA A 288 17.27 -59.44 1.23
N ARG A 289 16.68 -58.65 0.33
CA ARG A 289 16.26 -59.20 -0.97
C ARG A 289 17.45 -59.60 -1.84
N LEU A 290 18.67 -59.20 -1.49
CA LEU A 290 19.85 -59.51 -2.28
C LEU A 290 20.66 -60.66 -1.70
N ASP A 291 21.10 -60.54 -0.45
CA ASP A 291 22.03 -61.50 0.15
C ASP A 291 21.37 -62.36 1.23
N PHE A 292 20.04 -62.26 1.35
CA PHE A 292 19.27 -63.06 2.32
C PHE A 292 18.38 -64.05 1.56
N GLN A 293 17.16 -64.29 2.07
CA GLN A 293 16.19 -65.21 1.42
C GLN A 293 16.84 -66.56 1.14
N THR A 294 17.43 -67.19 2.17
CA THR A 294 18.07 -68.49 2.06
C THR A 294 17.16 -69.56 2.66
N PRO A 295 17.07 -70.75 2.02
CA PRO A 295 16.24 -71.81 2.61
C PRO A 295 16.69 -72.25 3.98
N ALA A 296 17.96 -72.02 4.35
CA ALA A 296 18.44 -72.43 5.66
C ALA A 296 17.71 -71.68 6.78
N MET A 297 17.53 -70.38 6.62
CA MET A 297 16.86 -69.57 7.63
C MET A 297 15.89 -68.61 6.96
N CYS A 298 14.65 -68.57 7.46
CA CYS A 298 13.58 -67.81 6.82
C CYS A 298 12.78 -66.93 7.78
N ALA A 299 12.79 -67.22 9.08
CA ALA A 299 11.98 -66.42 10.01
C ALA A 299 12.45 -64.98 10.08
N PHE A 300 13.75 -64.74 9.93
CA PHE A 300 14.27 -63.38 9.99
C PHE A 300 13.70 -62.54 8.85
N ASN A 301 13.60 -63.12 7.65
CA ASN A 301 13.03 -62.39 6.53
C ASN A 301 11.56 -62.03 6.79
N ASP A 302 10.80 -62.98 7.35
CA ASP A 302 9.39 -62.71 7.63
C ASP A 302 9.24 -61.63 8.69
N ARG A 303 10.05 -61.67 9.75
CA ARG A 303 9.96 -60.63 10.77
C ARG A 303 10.41 -59.28 10.24
N VAL A 304 11.41 -59.27 9.34
CA VAL A 304 11.83 -58.02 8.72
C VAL A 304 10.71 -57.45 7.85
N TYR A 305 10.01 -58.31 7.12
CA TYR A 305 8.87 -57.85 6.33
C TYR A 305 7.77 -57.29 7.22
N ALA A 306 7.47 -57.97 8.33
CA ALA A 306 6.43 -57.48 9.24
C ALA A 306 6.82 -56.13 9.84
N THR A 307 8.07 -55.98 10.26
CA THR A 307 8.52 -54.70 10.79
C THR A 307 8.53 -53.62 9.72
N TYR A 308 8.84 -53.97 8.47
CA TYR A 308 8.73 -53.00 7.38
C TYR A 308 7.29 -52.54 7.21
N GLN A 309 6.34 -53.46 7.31
CA GLN A 309 4.93 -53.10 7.19
C GLN A 309 4.51 -52.18 8.34
N VAL A 310 4.93 -52.49 9.57
CA VAL A 310 4.54 -51.62 10.69
C VAL A 310 5.21 -50.25 10.57
N THR A 311 6.44 -50.19 10.04
CA THR A 311 7.08 -48.90 9.85
C THR A 311 6.39 -48.10 8.74
N ARG A 312 5.91 -48.79 7.70
CA ARG A 312 5.11 -48.11 6.68
C ARG A 312 3.84 -47.53 7.26
N GLY A 313 3.16 -48.30 8.12
CA GLY A 313 1.98 -47.78 8.79
C GLY A 313 2.30 -46.59 9.68
N LEU A 314 3.41 -46.66 10.41
CA LEU A 314 3.83 -45.54 11.25
C LEU A 314 4.11 -44.30 10.41
N ALA A 315 4.80 -44.47 9.27
CA ALA A 315 5.08 -43.34 8.39
C ALA A 315 3.79 -42.74 7.84
N SER A 316 2.83 -43.59 7.47
CA SER A 316 1.55 -43.09 6.96
C SER A 316 0.81 -42.29 8.02
N LEU A 317 0.73 -42.82 9.25
CA LEU A 317 0.02 -42.10 10.30
C LEU A 317 0.74 -40.81 10.66
N ASN A 318 2.07 -40.81 10.64
CA ASN A 318 2.82 -39.59 10.91
C ASN A 318 2.57 -38.54 9.84
N SER A 319 2.62 -38.94 8.57
CA SER A 319 2.35 -38.00 7.48
C SER A 319 0.91 -37.52 7.50
N CYS A 320 0.00 -38.29 8.10
CA CYS A 320 -1.38 -37.83 8.25
C CYS A 320 -1.52 -36.83 9.39
N VAL A 321 -0.87 -37.10 10.53
CA VAL A 321 -1.09 -36.28 11.71
C VAL A 321 -0.27 -34.98 11.63
N ASP A 322 0.81 -34.98 10.84
CA ASP A 322 1.67 -33.80 10.78
C ASP A 322 0.93 -32.55 10.30
N PRO A 323 0.16 -32.58 9.20
CA PRO A 323 -0.61 -31.38 8.85
C PRO A 323 -1.63 -30.98 9.92
N ILE A 324 -2.24 -31.97 10.58
CA ILE A 324 -3.22 -31.66 11.63
C ILE A 324 -2.52 -31.08 12.85
N LEU A 325 -1.40 -31.68 13.26
CA LEU A 325 -0.68 -31.18 14.43
C LEU A 325 -0.11 -29.79 14.17
N TYR A 326 0.40 -29.55 12.97
CA TYR A 326 0.89 -28.22 12.62
C TYR A 326 -0.24 -27.19 12.64
N PHE A 327 -1.39 -27.55 12.10
CA PHE A 327 -2.52 -26.62 12.06
C PHE A 327 -3.07 -26.35 13.46
N LEU A 328 -3.20 -27.40 14.27
CA LEU A 328 -3.81 -27.28 15.60
C LEU A 328 -2.78 -26.82 16.63
N ALA A 329 -2.42 -25.55 16.52
CA ALA A 329 -1.55 -24.90 17.51
C ALA A 329 -2.16 -23.64 18.12
N GLY A 330 -3.05 -22.95 17.41
CA GLY A 330 -3.77 -21.83 17.96
C GLY A 330 -3.05 -20.50 17.96
N ASP A 331 -1.85 -20.42 17.37
CA ASP A 331 -1.14 -19.15 17.32
C ASP A 331 -1.89 -18.12 16.50
N THR A 332 -2.26 -18.47 15.26
CA THR A 332 -3.00 -17.56 14.42
C THR A 332 -4.06 -18.29 13.58
N PHE A 333 -4.15 -19.62 13.69
CA PHE A 333 -4.97 -20.41 12.79
C PHE A 333 -6.24 -20.95 13.43
N ARG A 334 -6.14 -21.54 14.63
CA ARG A 334 -7.32 -22.14 15.25
C ARG A 334 -8.36 -21.09 15.59
N ARG A 335 -7.91 -19.93 16.10
CA ARG A 335 -8.86 -18.87 16.46
C ARG A 335 -9.62 -18.36 15.25
N ARG A 336 -8.91 -18.15 14.13
CA ARG A 336 -9.57 -17.64 12.93
C ARG A 336 -10.43 -18.72 12.29
N LEU A 337 -10.04 -19.99 12.41
CA LEU A 337 -10.89 -21.08 11.94
C LEU A 337 -12.19 -21.14 12.72
N SER A 338 -12.10 -20.96 14.05
CA SER A 338 -13.31 -20.90 14.87
C SER A 338 -14.15 -19.69 14.49
N ARG A 339 -13.51 -18.55 14.24
CA ARG A 339 -14.24 -17.38 13.74
C ARG A 339 -14.86 -17.65 12.38
N ALA A 340 -14.15 -18.38 11.52
CA ALA A 340 -14.67 -18.70 10.20
C ALA A 340 -15.94 -19.54 10.29
N THR A 341 -15.95 -20.54 11.18
CA THR A 341 -17.14 -21.37 11.34
C THR A 341 -18.30 -20.56 11.91
N ARG A 342 -18.02 -19.69 12.89
CA ARG A 342 -19.06 -18.88 13.50
C ARG A 342 -19.22 -17.55 12.78
N CYS B 3 1.20 -3.04 -28.75
CA CYS B 3 -0.14 -3.35 -29.24
C CYS B 3 -0.82 -2.09 -29.75
N THR B 4 -2.01 -1.80 -29.21
CA THR B 4 -2.76 -0.61 -29.61
C THR B 4 -2.29 0.65 -28.91
N LEU B 5 -1.37 0.55 -27.96
CA LEU B 5 -0.88 1.72 -27.24
C LEU B 5 0.01 2.56 -28.14
N SER B 6 -0.08 3.88 -27.98
CA SER B 6 0.71 4.81 -28.77
C SER B 6 2.09 4.98 -28.15
N ALA B 7 2.92 5.80 -28.80
CA ALA B 7 4.26 6.08 -28.28
C ALA B 7 4.19 6.80 -26.94
N GLU B 8 3.30 7.79 -26.83
CA GLU B 8 3.10 8.45 -25.54
C GLU B 8 2.58 7.47 -24.49
N ASP B 9 1.62 6.62 -24.88
CA ASP B 9 1.10 5.62 -23.95
C ASP B 9 2.19 4.63 -23.53
N LYS B 10 3.00 4.17 -24.49
CA LYS B 10 4.07 3.25 -24.15
C LYS B 10 5.09 3.88 -23.22
N ALA B 11 5.48 5.14 -23.49
CA ALA B 11 6.44 5.82 -22.63
C ALA B 11 5.87 6.05 -21.24
N ALA B 12 4.59 6.41 -21.15
CA ALA B 12 3.95 6.59 -19.85
C ALA B 12 3.89 5.29 -19.08
N VAL B 13 3.60 4.18 -19.77
CA VAL B 13 3.59 2.88 -19.11
C VAL B 13 4.98 2.50 -18.63
N GLU B 14 6.01 2.80 -19.43
CA GLU B 14 7.38 2.55 -19.00
C GLU B 14 7.75 3.36 -17.77
N ARG B 15 7.34 4.63 -17.74
CA ARG B 15 7.58 5.46 -16.56
C ARG B 15 6.85 4.91 -15.34
N SER B 16 5.61 4.45 -15.54
CA SER B 16 4.86 3.86 -14.44
C SER B 16 5.53 2.59 -13.93
N LYS B 17 6.07 1.76 -14.83
CA LYS B 17 6.78 0.57 -14.41
C LYS B 17 8.06 0.92 -13.65
N MET B 18 8.77 1.96 -14.09
CA MET B 18 9.94 2.41 -13.35
C MET B 18 9.58 2.90 -11.96
N ILE B 19 8.47 3.64 -11.85
CA ILE B 19 8.00 4.10 -10.54
C ILE B 19 7.62 2.91 -9.68
N ASP B 20 6.98 1.90 -10.27
CA ASP B 20 6.62 0.70 -9.50
C ASP B 20 7.86 -0.03 -9.02
N ARG B 21 8.90 -0.11 -9.86
CA ARG B 21 10.15 -0.74 -9.45
C ARG B 21 10.80 0.02 -8.30
N ASN B 22 10.80 1.36 -8.38
CA ASN B 22 11.35 2.16 -7.29
C ASN B 22 10.55 1.97 -6.01
N LEU B 23 9.22 1.90 -6.12
CA LEU B 23 8.38 1.68 -4.94
C LEU B 23 8.63 0.30 -4.34
N ARG B 24 8.82 -0.72 -5.19
CA ARG B 24 9.12 -2.05 -4.69
C ARG B 24 10.47 -2.08 -3.97
N ARG B 25 11.47 -1.39 -4.53
CA ARG B 25 12.77 -1.31 -3.87
C ARG B 25 12.65 -0.59 -2.53
N ASP B 26 11.86 0.49 -2.47
CA ASP B 26 11.66 1.20 -1.22
C ASP B 26 10.92 0.34 -0.20
N LYS B 27 9.95 -0.46 -0.65
CA LYS B 27 9.27 -1.38 0.24
C LYS B 27 10.22 -2.44 0.78
N ARG B 28 11.10 -2.96 -0.08
CA ARG B 28 12.10 -3.92 0.38
C ARG B 28 13.02 -3.30 1.42
N ASP B 29 13.43 -2.04 1.19
CA ASP B 29 14.26 -1.36 2.18
C ASP B 29 13.50 -1.14 3.48
N ALA B 30 12.22 -0.78 3.40
CA ALA B 30 11.40 -0.54 4.58
C ALA B 30 11.03 -1.83 5.31
N ARG B 31 11.20 -3.00 4.68
CA ARG B 31 10.99 -4.25 5.38
C ARG B 31 12.01 -4.48 6.49
N ARG B 32 13.10 -3.71 6.51
CA ARG B 32 14.12 -3.82 7.55
C ARG B 32 14.07 -2.66 8.52
N GLU B 33 12.94 -1.96 8.62
CA GLU B 33 12.74 -0.91 9.60
C GLU B 33 11.41 -1.13 10.30
N LEU B 34 11.36 -0.80 11.59
CA LEU B 34 10.18 -1.02 12.40
C LEU B 34 9.75 0.28 13.06
N LYS B 35 8.45 0.54 13.08
CA LYS B 35 7.91 1.72 13.71
C LYS B 35 7.69 1.46 15.20
N LEU B 36 8.26 2.31 16.04
CA LEU B 36 8.16 2.19 17.49
C LEU B 36 7.48 3.44 18.03
N LEU B 37 6.21 3.31 18.42
CA LEU B 37 5.45 4.44 18.92
C LEU B 37 5.93 4.80 20.31
N LEU B 38 6.48 6.01 20.47
CA LEU B 38 6.99 6.48 21.75
C LEU B 38 5.95 7.39 22.39
N LEU B 39 5.53 7.05 23.60
CA LEU B 39 4.52 7.80 24.33
C LEU B 39 5.04 8.18 25.70
N GLY B 40 4.67 9.37 26.16
CA GLY B 40 5.09 9.83 27.47
C GLY B 40 4.72 11.28 27.74
N THR B 41 4.71 11.66 29.01
CA THR B 41 4.38 13.02 29.39
C THR B 41 5.59 13.94 29.23
N GLY B 42 5.34 15.25 29.32
CA GLY B 42 6.41 16.21 29.21
C GLY B 42 7.34 16.24 30.41
N GLU B 43 6.89 15.75 31.56
CA GLU B 43 7.69 15.72 32.77
C GLU B 43 8.46 14.42 32.94
N SER B 44 8.41 13.52 31.96
CA SER B 44 9.09 12.24 32.04
C SER B 44 10.52 12.29 31.53
N GLY B 45 11.01 13.47 31.14
CA GLY B 45 12.36 13.59 30.61
C GLY B 45 12.55 12.91 29.27
N LYS B 46 11.60 13.08 28.34
CA LYS B 46 11.72 12.46 27.03
C LYS B 46 12.92 13.01 26.26
N SER B 47 13.11 14.33 26.31
CA SER B 47 14.17 14.95 25.51
C SER B 47 15.55 14.44 25.93
N THR B 48 15.82 14.47 27.24
CA THR B 48 17.10 13.95 27.71
C THR B 48 17.22 12.45 27.49
N PHE B 49 16.09 11.74 27.45
CA PHE B 49 16.12 10.31 27.14
C PHE B 49 16.61 10.07 25.73
N ILE B 50 16.08 10.82 24.76
CA ILE B 50 16.53 10.68 23.38
C ILE B 50 17.97 11.16 23.24
N LYS B 51 18.36 12.21 23.96
CA LYS B 51 19.75 12.67 23.90
C LYS B 51 20.69 11.59 24.42
N GLN B 52 20.33 10.93 25.53
CA GLN B 52 21.16 9.86 26.08
C GLN B 52 21.23 8.67 25.11
N MET B 53 20.11 8.33 24.48
CA MET B 53 20.13 7.25 23.51
C MET B 53 21.03 7.59 22.31
N ARG B 54 20.97 8.83 21.84
CA ARG B 54 21.84 9.24 20.74
C ARG B 54 23.30 9.21 21.15
N ILE B 55 23.61 9.65 22.38
CA ILE B 55 24.98 9.63 22.85
C ILE B 55 25.49 8.19 22.96
N ILE B 56 24.66 7.28 23.47
CA ILE B 56 25.06 5.89 23.58
C ILE B 56 25.26 5.27 22.22
N HIS B 57 24.39 5.60 21.25
CA HIS B 57 24.53 5.05 19.91
C HIS B 57 25.82 5.52 19.26
N GLY B 58 26.17 6.79 19.44
CA GLY B 58 27.39 7.34 18.86
C GLY B 58 27.18 8.65 18.14
N THR B 181 4.36 21.71 18.02
CA THR B 181 5.16 21.52 16.81
C THR B 181 4.92 20.14 16.20
N GLY B 182 5.54 19.90 15.05
CA GLY B 182 5.38 18.62 14.38
C GLY B 182 6.17 17.52 15.06
N ILE B 183 5.81 16.28 14.72
CA ILE B 183 6.49 15.12 15.28
C ILE B 183 7.87 14.96 14.65
N ILE B 184 8.74 14.23 15.34
CA ILE B 184 10.11 14.02 14.89
C ILE B 184 10.46 12.55 15.06
N GLU B 185 11.31 12.05 14.16
CA GLU B 185 11.76 10.67 14.17
C GLU B 185 13.27 10.62 14.39
N TYR B 186 13.72 9.56 15.05
CA TYR B 186 15.14 9.36 15.38
C TYR B 186 15.59 8.00 14.85
N PRO B 187 16.05 7.92 13.60
CA PRO B 187 16.57 6.65 13.09
C PRO B 187 17.90 6.30 13.73
N PHE B 188 18.02 5.07 14.20
CA PHE B 188 19.29 4.50 14.66
C PHE B 188 19.54 3.20 13.92
N ASP B 189 20.81 2.97 13.56
CA ASP B 189 21.22 1.75 12.87
C ASP B 189 22.03 0.88 13.83
N LEU B 190 21.54 -0.33 14.09
CA LEU B 190 22.22 -1.31 14.93
C LEU B 190 22.09 -2.66 14.27
N GLU B 191 23.23 -3.27 13.93
CA GLU B 191 23.26 -4.58 13.26
C GLU B 191 22.46 -4.56 11.96
N ASN B 192 22.59 -3.47 11.20
CA ASN B 192 22.00 -3.34 9.88
C ASN B 192 20.47 -3.46 9.91
N ILE B 193 19.86 -2.93 10.97
CA ILE B 193 18.40 -2.80 11.04
C ILE B 193 18.09 -1.45 11.69
N ILE B 194 17.05 -0.80 11.20
CA ILE B 194 16.75 0.60 11.52
C ILE B 194 15.60 0.66 12.50
N PHE B 195 15.79 1.38 13.60
CA PHE B 195 14.75 1.66 14.58
C PHE B 195 14.45 3.15 14.61
N ARG B 196 13.17 3.50 14.56
CA ARG B 196 12.74 4.89 14.67
C ARG B 196 11.60 5.00 15.67
N MET B 197 11.63 6.07 16.46
CA MET B 197 10.56 6.38 17.39
C MET B 197 9.95 7.73 17.03
N VAL B 198 8.62 7.78 17.01
CA VAL B 198 7.87 8.98 16.71
C VAL B 198 7.45 9.63 18.02
N ASP B 199 7.77 10.92 18.17
CA ASP B 199 7.42 11.67 19.37
C ASP B 199 6.11 12.41 19.11
N VAL B 200 5.01 11.83 19.55
CA VAL B 200 3.69 12.42 19.36
C VAL B 200 3.22 13.15 20.63
N GLY B 201 4.14 13.48 21.54
CA GLY B 201 3.78 14.20 22.74
C GLY B 201 3.39 15.64 22.49
N GLY B 202 3.82 16.22 21.38
CA GLY B 202 3.45 17.58 21.04
C GLY B 202 2.05 17.76 20.50
N GLN B 203 1.36 16.65 20.21
CA GLN B 203 0.00 16.72 19.70
C GLN B 203 -0.97 16.92 20.87
N ARG B 204 -1.76 17.99 20.79
CA ARG B 204 -2.73 18.32 21.84
C ARG B 204 -4.15 17.92 21.46
N SER B 205 -4.31 17.11 20.41
CA SER B 205 -5.64 16.72 19.94
C SER B 205 -6.22 15.66 20.85
N GLU B 206 -7.40 15.13 20.47
CA GLU B 206 -8.07 14.14 21.29
C GLU B 206 -7.37 12.78 21.28
N ARG B 207 -6.46 12.57 20.34
CA ARG B 207 -5.65 11.36 20.17
C ARG B 207 -6.48 10.15 19.72
N ARG B 208 -7.79 10.30 19.58
CA ARG B 208 -8.64 9.20 19.14
C ARG B 208 -8.90 9.23 17.63
N LYS B 209 -8.33 10.20 16.91
CA LYS B 209 -8.53 10.31 15.48
C LYS B 209 -7.28 10.06 14.66
N TRP B 210 -6.10 10.06 15.29
CA TRP B 210 -4.85 9.81 14.58
C TRP B 210 -4.03 8.69 15.19
N ILE B 211 -4.52 8.02 16.23
CA ILE B 211 -3.80 6.91 16.82
C ILE B 211 -3.89 5.66 15.96
N HIS B 212 -4.87 5.59 15.05
CA HIS B 212 -4.98 4.44 14.17
C HIS B 212 -3.88 4.41 13.11
N CYS B 213 -3.18 5.53 12.90
CA CYS B 213 -2.06 5.55 11.98
C CYS B 213 -0.89 4.70 12.47
N PHE B 214 -0.86 4.37 13.76
CA PHE B 214 0.19 3.54 14.35
C PHE B 214 -0.30 2.12 14.62
N GLU B 215 -1.25 1.63 13.82
CA GLU B 215 -1.80 0.30 14.04
C GLU B 215 -0.76 -0.79 13.75
N ASN B 216 0.11 -0.56 12.76
CA ASN B 216 1.07 -1.56 12.31
C ASN B 216 2.45 -1.37 12.95
N VAL B 217 2.51 -0.86 14.18
CA VAL B 217 3.77 -0.73 14.87
C VAL B 217 4.13 -2.06 15.53
N THR B 218 5.44 -2.26 15.75
CA THR B 218 5.92 -3.48 16.37
C THR B 218 5.82 -3.42 17.89
N SER B 219 6.21 -2.29 18.49
CA SER B 219 6.14 -2.12 19.93
C SER B 219 5.83 -0.68 20.26
N ILE B 220 5.29 -0.46 21.46
CA ILE B 220 4.98 0.87 21.96
C ILE B 220 5.95 1.17 23.10
N MET B 221 6.66 2.29 22.99
CA MET B 221 7.66 2.68 23.98
C MET B 221 7.06 3.70 24.93
N PHE B 222 7.03 3.38 26.21
CA PHE B 222 6.51 4.26 27.24
C PHE B 222 7.63 4.71 28.18
N LEU B 223 7.66 6.00 28.48
CA LEU B 223 8.60 6.59 29.42
C LEU B 223 7.81 7.24 30.55
N VAL B 224 7.93 6.68 31.75
CA VAL B 224 7.22 7.16 32.92
C VAL B 224 8.25 7.60 33.96
N ALA B 225 8.10 8.81 34.47
CA ALA B 225 9.05 9.33 35.45
C ALA B 225 8.92 8.58 36.76
N LEU B 226 10.06 8.25 37.37
CA LEU B 226 10.08 7.57 38.66
C LEU B 226 9.93 8.51 39.84
N SER B 227 9.94 9.83 39.59
CA SER B 227 9.85 10.84 40.64
C SER B 227 8.63 11.72 40.45
N GLU B 228 7.49 11.10 40.12
CA GLU B 228 6.26 11.85 39.87
C GLU B 228 5.06 11.20 40.56
N TYR B 229 5.28 10.57 41.71
CA TYR B 229 4.20 9.94 42.46
C TYR B 229 3.55 10.88 43.46
N ASP B 230 4.03 12.11 43.57
CA ASP B 230 3.41 13.12 44.44
C ASP B 230 3.13 14.44 43.76
N GLN B 231 3.80 14.76 42.67
CA GLN B 231 3.57 16.03 41.98
C GLN B 231 2.22 16.02 41.29
N VAL B 232 1.46 17.11 41.47
CA VAL B 232 0.14 17.22 40.87
C VAL B 232 0.17 18.20 39.70
N SER B 236 -3.11 20.27 40.15
CA SER B 236 -4.15 21.07 39.49
C SER B 236 -5.54 20.61 39.92
N ASP B 237 -5.89 19.38 39.55
CA ASP B 237 -7.18 18.79 39.88
C ASP B 237 -7.10 17.81 41.05
N ASN B 238 -6.19 18.05 41.99
CA ASN B 238 -6.00 17.18 43.16
C ASN B 238 -5.69 15.74 42.74
N GLU B 239 -4.91 15.60 41.65
CA GLU B 239 -4.52 14.30 41.14
C GLU B 239 -3.04 14.33 40.78
N ASN B 240 -2.33 13.29 41.17
CA ASN B 240 -0.90 13.20 40.88
C ASN B 240 -0.69 12.76 39.42
N ARG B 241 0.55 12.93 38.96
CA ARG B 241 0.89 12.58 37.59
C ARG B 241 0.86 11.07 37.36
N MET B 242 1.08 10.27 38.41
CA MET B 242 1.04 8.82 38.25
C MET B 242 -0.35 8.35 37.89
N GLU B 243 -1.39 8.96 38.46
CA GLU B 243 -2.76 8.58 38.10
C GLU B 243 -3.05 8.90 36.64
N GLU B 244 -2.58 10.06 36.16
CA GLU B 244 -2.76 10.41 34.76
C GLU B 244 -2.01 9.44 33.85
N SER B 245 -0.79 9.06 34.23
CA SER B 245 -0.03 8.11 33.43
C SER B 245 -0.73 6.75 33.39
N LYS B 246 -1.27 6.31 34.53
CA LYS B 246 -1.99 5.04 34.57
C LYS B 246 -3.24 5.09 33.70
N ALA B 247 -3.98 6.21 33.74
CA ALA B 247 -5.16 6.36 32.91
C ALA B 247 -4.79 6.34 31.43
N LEU B 248 -3.70 7.02 31.06
CA LEU B 248 -3.26 7.03 29.67
C LEU B 248 -2.85 5.63 29.22
N PHE B 249 -2.14 4.90 30.08
CA PHE B 249 -1.75 3.53 29.75
C PHE B 249 -2.99 2.64 29.56
N ARG B 250 -3.96 2.77 30.45
CA ARG B 250 -5.18 1.97 30.35
C ARG B 250 -5.94 2.29 29.08
N THR B 251 -6.06 3.57 28.72
CA THR B 251 -6.81 3.95 27.54
C THR B 251 -6.05 3.72 26.24
N ILE B 252 -4.73 3.52 26.31
CA ILE B 252 -3.98 3.24 25.10
C ILE B 252 -3.80 1.74 24.87
N ILE B 253 -3.78 0.93 25.93
CA ILE B 253 -3.68 -0.52 25.75
C ILE B 253 -4.98 -1.07 25.20
N THR B 254 -6.12 -0.55 25.68
CA THR B 254 -7.42 -1.06 25.27
C THR B 254 -7.77 -0.71 23.82
N TYR B 255 -6.99 0.13 23.16
CA TYR B 255 -7.27 0.48 21.78
C TYR B 255 -7.16 -0.76 20.89
N PRO B 256 -8.14 -1.01 20.01
CA PRO B 256 -8.06 -2.19 19.14
C PRO B 256 -6.90 -2.15 18.16
N TRP B 257 -6.34 -0.97 17.89
CA TRP B 257 -5.22 -0.87 16.95
C TRP B 257 -3.99 -1.60 17.47
N PHE B 258 -3.72 -1.51 18.76
CA PHE B 258 -2.53 -2.13 19.36
C PHE B 258 -2.89 -3.50 19.94
N GLN B 259 -3.27 -4.41 19.05
CA GLN B 259 -3.56 -5.79 19.43
C GLN B 259 -2.44 -6.75 19.10
N ASN B 260 -1.54 -6.38 18.19
CA ASN B 260 -0.42 -7.23 17.79
C ASN B 260 0.93 -6.56 18.04
N SER B 261 0.98 -5.61 18.97
CA SER B 261 2.20 -4.88 19.27
C SER B 261 2.53 -5.03 20.75
N SER B 262 3.82 -5.23 21.05
CA SER B 262 4.27 -5.36 22.43
C SER B 262 4.36 -3.99 23.09
N VAL B 263 4.65 -3.99 24.39
CA VAL B 263 4.71 -2.77 25.18
C VAL B 263 6.09 -2.70 25.83
N ILE B 264 6.72 -1.53 25.73
CA ILE B 264 7.99 -1.25 26.39
C ILE B 264 7.76 -0.12 27.38
N LEU B 265 8.11 -0.36 28.64
CA LEU B 265 7.85 0.59 29.72
C LEU B 265 9.19 1.04 30.30
N PHE B 266 9.76 2.10 29.71
CA PHE B 266 10.98 2.69 30.24
C PHE B 266 10.67 3.50 31.49
N LEU B 267 11.61 3.48 32.43
CA LEU B 267 11.49 4.24 33.69
C LEU B 267 12.78 5.00 33.90
N ASN B 268 12.77 6.30 33.63
CA ASN B 268 13.96 7.14 33.71
C ASN B 268 14.14 7.66 35.14
N LYS B 269 15.08 8.59 35.31
CA LYS B 269 15.44 9.20 36.60
C LYS B 269 15.41 8.18 37.74
N LYS B 270 16.12 7.07 37.54
CA LYS B 270 16.22 6.05 38.57
C LYS B 270 16.96 6.57 39.79
N ASP B 271 18.03 7.34 39.57
CA ASP B 271 18.80 7.89 40.68
C ASP B 271 17.98 8.86 41.51
N LEU B 272 17.14 9.67 40.86
CA LEU B 272 16.31 10.63 41.58
C LEU B 272 15.31 9.94 42.49
N LEU B 273 14.82 8.76 42.10
CA LEU B 273 13.86 8.04 42.94
C LEU B 273 14.48 7.62 44.25
N GLU B 274 15.75 7.20 44.24
CA GLU B 274 16.41 6.75 45.46
C GLU B 274 16.48 7.87 46.49
N ASP B 275 16.83 9.08 46.06
CA ASP B 275 16.90 10.21 46.97
C ASP B 275 15.51 10.73 47.36
N LYS B 276 14.56 10.70 46.42
CA LYS B 276 13.24 11.25 46.68
C LYS B 276 12.40 10.36 47.58
N ILE B 277 12.65 9.05 47.57
CA ILE B 277 11.85 8.13 48.38
C ILE B 277 12.05 8.34 49.87
N LEU B 278 13.15 9.01 50.27
CA LEU B 278 13.39 9.28 51.68
C LEU B 278 12.49 10.38 52.22
N TYR B 279 11.92 11.21 51.35
CA TYR B 279 11.07 12.32 51.77
C TYR B 279 9.58 12.00 51.64
N SER B 280 9.15 11.46 50.51
CA SER B 280 7.76 11.13 50.26
C SER B 280 7.57 9.62 50.34
N HIS B 281 6.34 9.22 50.67
CA HIS B 281 5.99 7.82 50.85
C HIS B 281 4.80 7.48 49.96
N LEU B 282 4.79 6.28 49.39
CA LEU B 282 3.71 5.87 48.51
C LEU B 282 2.44 5.51 49.27
N VAL B 283 2.54 5.28 50.58
CA VAL B 283 1.36 4.89 51.36
C VAL B 283 0.36 6.04 51.41
N ASP B 284 0.85 7.28 51.49
CA ASP B 284 -0.05 8.42 51.59
C ASP B 284 -0.88 8.62 50.34
N TYR B 285 -0.39 8.18 49.18
CA TYR B 285 -1.08 8.35 47.91
C TYR B 285 -1.73 7.06 47.43
N PHE B 286 -0.98 5.95 47.40
CA PHE B 286 -1.53 4.66 47.00
C PHE B 286 -1.65 3.76 48.22
N PRO B 287 -2.87 3.47 48.70
CA PRO B 287 -3.05 2.62 49.88
C PRO B 287 -2.92 1.12 49.58
N GLU B 288 -1.88 0.76 48.83
CA GLU B 288 -1.60 -0.63 48.52
C GLU B 288 -0.14 -1.02 48.72
N PHE B 289 0.75 -0.07 48.99
CA PHE B 289 2.17 -0.36 49.18
C PHE B 289 2.41 -0.71 50.65
N ASP B 290 2.54 -1.99 50.93
CA ASP B 290 2.78 -2.50 52.27
C ASP B 290 4.07 -3.30 52.28
N GLY B 291 4.92 -3.04 53.28
CA GLY B 291 6.16 -3.76 53.40
C GLY B 291 7.35 -2.83 53.59
N PRO B 292 8.33 -2.91 52.67
CA PRO B 292 9.51 -2.05 52.78
C PRO B 292 9.20 -0.61 52.39
N GLN B 293 8.66 0.16 53.34
CA GLN B 293 8.27 1.54 53.05
C GLN B 293 9.47 2.40 52.65
N ARG B 294 10.59 2.24 53.34
CA ARG B 294 11.81 2.99 53.05
C ARG B 294 12.91 1.99 52.68
N ASP B 295 12.95 1.63 51.40
CA ASP B 295 13.96 0.70 50.90
C ASP B 295 14.61 1.14 49.60
N ALA B 296 14.00 2.04 48.84
CA ALA B 296 14.47 2.50 47.53
C ALA B 296 14.59 1.37 46.51
N GLN B 297 14.07 0.18 46.83
CA GLN B 297 14.10 -0.96 45.93
C GLN B 297 12.79 -1.71 45.82
N ALA B 298 11.83 -1.50 46.72
CA ALA B 298 10.54 -2.18 46.66
C ALA B 298 9.43 -1.34 46.04
N ALA B 299 9.47 -0.01 46.23
CA ALA B 299 8.46 0.86 45.63
C ALA B 299 8.50 0.79 44.10
N ARG B 300 9.71 0.71 43.55
CA ARG B 300 9.90 0.58 42.11
C ARG B 300 9.27 -0.72 41.58
N GLU B 301 9.50 -1.83 42.27
CA GLU B 301 8.85 -3.07 41.88
C GLU B 301 7.33 -2.98 42.01
N PHE B 302 6.86 -2.30 43.06
CA PHE B 302 5.43 -2.17 43.28
C PHE B 302 4.77 -1.35 42.16
N ILE B 303 5.37 -0.23 41.77
CA ILE B 303 4.78 0.58 40.73
C ILE B 303 4.82 -0.15 39.39
N LEU B 304 5.91 -0.88 39.12
CA LEU B 304 5.94 -1.72 37.93
C LEU B 304 4.84 -2.76 37.95
N LYS B 305 4.63 -3.39 39.11
CA LYS B 305 3.60 -4.44 39.21
C LYS B 305 2.21 -3.87 38.98
N MET B 306 1.90 -2.72 39.58
CA MET B 306 0.56 -2.18 39.38
C MET B 306 0.39 -1.68 37.95
N PHE B 307 1.46 -1.19 37.32
CA PHE B 307 1.37 -0.82 35.91
C PHE B 307 1.08 -2.03 35.04
N VAL B 308 1.73 -3.16 35.32
CA VAL B 308 1.45 -4.39 34.59
C VAL B 308 0.03 -4.85 34.84
N ASP B 309 -0.52 -4.58 36.04
CA ASP B 309 -1.87 -5.01 36.35
C ASP B 309 -2.92 -4.41 35.43
N LEU B 310 -2.60 -3.31 34.73
CA LEU B 310 -3.56 -2.71 33.81
C LEU B 310 -3.79 -3.54 32.56
N ASN B 311 -3.02 -4.60 32.34
CA ASN B 311 -3.19 -5.43 31.15
C ASN B 311 -4.54 -6.12 31.20
N PRO B 312 -5.34 -6.04 30.12
CA PRO B 312 -6.63 -6.74 30.10
C PRO B 312 -6.48 -8.24 29.92
N ASP B 313 -7.60 -8.94 29.72
CA ASP B 313 -7.55 -10.39 29.55
C ASP B 313 -6.67 -10.79 28.38
N SER B 314 -6.56 -9.95 27.36
CA SER B 314 -5.65 -10.21 26.25
C SER B 314 -4.22 -10.08 26.74
N ASP B 315 -3.50 -11.20 26.79
CA ASP B 315 -2.15 -11.24 27.34
C ASP B 315 -1.19 -10.59 26.36
N LYS B 316 -0.70 -9.40 26.71
CA LYS B 316 0.29 -8.69 25.92
C LYS B 316 1.55 -8.50 26.75
N ILE B 317 2.70 -8.79 26.12
CA ILE B 317 3.97 -8.70 26.83
C ILE B 317 4.34 -7.24 27.03
N ILE B 318 4.68 -6.88 28.26
CA ILE B 318 5.07 -5.52 28.62
C ILE B 318 6.52 -5.57 29.09
N TYR B 319 7.44 -5.20 28.20
CA TYR B 319 8.85 -5.12 28.57
C TYR B 319 9.09 -3.88 29.42
N SER B 320 10.01 -3.98 30.38
CA SER B 320 10.31 -2.87 31.26
C SER B 320 11.79 -2.90 31.60
N HIS B 321 12.34 -1.71 31.88
CA HIS B 321 13.74 -1.58 32.23
C HIS B 321 13.89 -0.43 33.22
N PHE B 322 14.89 -0.53 34.08
CA PHE B 322 15.16 0.45 35.11
C PHE B 322 16.41 1.24 34.69
N THR B 323 16.21 2.25 33.87
CA THR B 323 17.30 3.03 33.31
C THR B 323 17.53 4.30 34.12
N CYS B 324 18.77 4.76 34.11
CA CYS B 324 19.19 5.98 34.80
C CYS B 324 19.50 7.06 33.77
N ALA B 325 19.96 8.21 34.27
CA ALA B 325 20.30 9.31 33.40
C ALA B 325 21.47 8.97 32.48
N THR B 326 22.48 8.29 33.01
CA THR B 326 23.67 7.91 32.25
C THR B 326 23.84 6.41 32.35
N ASP B 327 23.66 5.70 31.23
CA ASP B 327 23.82 4.25 31.20
C ASP B 327 24.21 3.83 29.80
N THR B 328 24.80 2.62 29.71
CA THR B 328 25.22 2.07 28.44
C THR B 328 24.27 1.00 27.90
N GLU B 329 23.39 0.45 28.74
CA GLU B 329 22.44 -0.56 28.33
C GLU B 329 21.11 0.03 27.86
N ASN B 330 21.01 1.36 27.78
CA ASN B 330 19.75 1.99 27.42
C ASN B 330 19.29 1.57 26.03
N ILE B 331 20.21 1.51 25.08
CA ILE B 331 19.83 1.08 23.73
C ILE B 331 19.84 -0.44 23.62
N ARG B 332 20.67 -1.12 24.40
CA ARG B 332 20.72 -2.58 24.33
C ARG B 332 19.43 -3.21 24.82
N PHE B 333 18.81 -2.62 25.84
CA PHE B 333 17.54 -3.15 26.34
C PHE B 333 16.46 -3.07 25.27
N VAL B 334 16.35 -1.91 24.59
CA VAL B 334 15.32 -1.78 23.57
C VAL B 334 15.65 -2.65 22.36
N PHE B 335 16.93 -2.84 22.07
CA PHE B 335 17.32 -3.80 21.02
C PHE B 335 16.82 -5.20 21.34
N ALA B 336 17.08 -5.65 22.57
CA ALA B 336 16.61 -6.97 22.98
C ALA B 336 15.09 -7.05 22.99
N ALA B 337 14.43 -5.98 23.43
CA ALA B 337 12.97 -5.98 23.49
C ALA B 337 12.35 -6.08 22.10
N VAL B 338 12.85 -5.31 21.14
CA VAL B 338 12.31 -5.38 19.79
C VAL B 338 12.65 -6.72 19.14
N LYS B 339 13.84 -7.27 19.45
CA LYS B 339 14.18 -8.60 18.94
C LYS B 339 13.20 -9.65 19.47
N ASP B 340 12.89 -9.60 20.76
CA ASP B 340 11.95 -10.55 21.34
C ASP B 340 10.54 -10.34 20.80
N THR B 341 10.15 -9.08 20.56
CA THR B 341 8.84 -8.81 19.97
C THR B 341 8.73 -9.40 18.57
N ILE B 342 9.78 -9.23 17.76
CA ILE B 342 9.78 -9.80 16.42
C ILE B 342 9.79 -11.33 16.49
N LEU B 343 10.52 -11.89 17.46
CA LEU B 343 10.52 -13.34 17.62
C LEU B 343 9.14 -13.86 17.97
N GLN B 344 8.43 -13.17 18.87
CA GLN B 344 7.09 -13.58 19.23
C GLN B 344 6.12 -13.42 18.07
N LEU B 345 6.27 -12.36 17.29
CA LEU B 345 5.44 -12.18 16.11
C LEU B 345 5.67 -13.30 15.10
N ASN B 346 6.94 -13.70 14.92
CA ASN B 346 7.24 -14.84 14.05
C ASN B 346 6.64 -16.13 14.60
N LEU B 347 6.72 -16.32 15.92
CA LEU B 347 6.15 -17.52 16.54
C LEU B 347 4.65 -17.60 16.30
N LYS B 348 3.95 -16.47 16.43
CA LYS B 348 2.55 -16.43 16.05
C LYS B 348 2.37 -16.72 14.56
N GLU B 349 3.24 -16.16 13.73
CA GLU B 349 3.17 -16.40 12.29
C GLU B 349 3.51 -17.84 11.93
N TYR B 350 4.48 -18.43 12.64
CA TYR B 350 4.96 -19.77 12.34
C TYR B 350 4.14 -20.86 13.02
N ASN B 351 3.03 -20.50 13.66
CA ASN B 351 2.16 -21.46 14.36
C ASN B 351 2.91 -22.18 15.47
N LEU B 352 3.58 -21.40 16.32
CA LEU B 352 4.32 -21.93 17.45
C LEU B 352 3.94 -21.32 18.79
N VAL B 353 3.17 -20.23 18.80
CA VAL B 353 2.75 -19.53 20.01
C VAL B 353 3.97 -19.07 20.82
N SER C 8 -23.29 36.44 38.77
CA SER C 8 -22.74 37.76 38.48
C SER C 8 -22.95 38.14 37.02
N GLU C 9 -21.95 37.87 36.20
CA GLU C 9 -22.01 38.17 34.77
C GLU C 9 -21.79 36.95 33.89
N LEU C 10 -20.88 36.04 34.28
CA LEU C 10 -20.65 34.84 33.49
C LEU C 10 -21.88 33.95 33.45
N ASP C 11 -22.52 33.75 34.60
CA ASP C 11 -23.72 32.92 34.65
C ASP C 11 -24.85 33.55 33.85
N GLN C 12 -25.01 34.88 33.97
CA GLN C 12 -26.04 35.57 33.20
C GLN C 12 -25.79 35.45 31.71
N LEU C 13 -24.54 35.61 31.28
CA LEU C 13 -24.20 35.46 29.87
C LEU C 13 -24.47 34.03 29.39
N ARG C 14 -24.11 33.04 30.21
CA ARG C 14 -24.33 31.65 29.82
C ARG C 14 -25.81 31.33 29.69
N GLN C 15 -26.63 31.80 30.63
CA GLN C 15 -28.07 31.53 30.55
C GLN C 15 -28.70 32.30 29.40
N GLU C 16 -28.22 33.51 29.11
CA GLU C 16 -28.71 34.24 27.94
C GLU C 16 -28.36 33.50 26.65
N ALA C 17 -27.15 32.96 26.57
CA ALA C 17 -26.77 32.17 25.40
C ALA C 17 -27.63 30.93 25.26
N GLU C 18 -27.90 30.25 26.38
CA GLU C 18 -28.77 29.07 26.33
C GLU C 18 -30.17 29.42 25.87
N GLN C 19 -30.72 30.53 26.38
CA GLN C 19 -32.05 30.96 25.93
C GLN C 19 -32.04 31.34 24.46
N LEU C 20 -30.96 31.97 23.99
CA LEU C 20 -30.85 32.32 22.58
C LEU C 20 -30.82 31.06 21.72
N LYS C 21 -30.05 30.05 22.13
CA LYS C 21 -30.03 28.79 21.39
C LYS C 21 -31.41 28.13 21.40
N ASN C 22 -32.10 28.19 22.53
CA ASN C 22 -33.44 27.62 22.61
C ASN C 22 -34.41 28.31 21.65
N GLN C 23 -34.33 29.64 21.57
CA GLN C 23 -35.25 30.34 20.68
C GLN C 23 -34.86 30.15 19.22
N ILE C 24 -33.56 29.98 18.92
CA ILE C 24 -33.16 29.60 17.56
C ILE C 24 -33.74 28.25 17.19
N ARG C 25 -33.67 27.28 18.11
CA ARG C 25 -34.25 25.97 17.83
C ARG C 25 -35.76 26.06 17.65
N ASP C 26 -36.43 26.88 18.47
CA ASP C 26 -37.86 27.05 18.33
C ASP C 26 -38.21 27.67 16.98
N ALA C 27 -37.44 28.66 16.54
CA ALA C 27 -37.68 29.27 15.24
C ALA C 27 -37.45 28.28 14.11
N ARG C 28 -36.40 27.45 14.23
CA ARG C 28 -36.15 26.41 13.23
C ARG C 28 -37.30 25.41 13.16
N LYS C 29 -37.83 25.03 14.32
CA LYS C 29 -38.97 24.10 14.34
C LYS C 29 -40.24 24.76 13.79
N ALA C 30 -40.40 26.07 14.01
CA ALA C 30 -41.61 26.75 13.56
C ALA C 30 -41.71 26.75 12.03
N CYS C 31 -40.59 26.94 11.34
CA CYS C 31 -40.60 27.00 9.88
C CYS C 31 -40.61 25.64 9.23
N ALA C 32 -40.57 24.55 10.00
CA ALA C 32 -40.64 23.20 9.47
C ALA C 32 -42.08 22.89 9.08
N ASP C 33 -42.50 23.45 7.94
CA ASP C 33 -43.87 23.27 7.48
C ASP C 33 -44.13 21.82 7.08
N ALA C 34 -43.23 21.25 6.29
CA ALA C 34 -43.38 19.87 5.83
C ALA C 34 -42.02 19.33 5.45
N THR C 35 -41.80 18.04 5.74
CA THR C 35 -40.55 17.39 5.41
C THR C 35 -40.57 16.92 3.96
N LEU C 36 -39.52 16.24 3.52
CA LEU C 36 -39.44 15.71 2.18
C LEU C 36 -40.12 14.36 2.02
N SER C 37 -40.61 13.76 3.10
CA SER C 37 -41.25 12.46 3.00
C SER C 37 -42.67 12.56 2.45
N GLN C 38 -43.40 13.62 2.83
CA GLN C 38 -44.77 13.78 2.39
C GLN C 38 -44.90 14.44 1.03
N ILE C 39 -43.80 14.93 0.45
CA ILE C 39 -43.85 15.59 -0.85
C ILE C 39 -43.11 14.83 -1.94
N THR C 40 -42.34 13.80 -1.59
CA THR C 40 -41.66 12.97 -2.58
C THR C 40 -42.39 11.67 -2.85
N ASN C 41 -43.59 11.49 -2.32
CA ASN C 41 -44.38 10.29 -2.58
C ASN C 41 -44.99 10.30 -3.97
N ASN C 42 -44.97 11.42 -4.68
CA ASN C 42 -45.53 11.52 -6.02
C ASN C 42 -44.54 11.17 -7.11
N ILE C 43 -43.28 10.90 -6.77
CA ILE C 43 -42.26 10.56 -7.75
C ILE C 43 -41.82 9.12 -7.53
N ASP C 44 -41.44 8.46 -8.61
CA ASP C 44 -41.02 7.07 -8.54
C ASP C 44 -39.60 6.98 -7.99
N PRO C 45 -39.35 6.07 -7.05
CA PRO C 45 -37.98 5.91 -6.54
C PRO C 45 -37.07 5.28 -7.59
N VAL C 46 -35.77 5.53 -7.42
CA VAL C 46 -34.78 4.99 -8.36
C VAL C 46 -34.73 3.47 -8.27
N GLY C 47 -34.91 2.92 -7.08
CA GLY C 47 -34.86 1.48 -6.90
C GLY C 47 -33.48 1.01 -6.44
N ARG C 48 -32.94 0.03 -7.16
CA ARG C 48 -31.63 -0.53 -6.85
C ARG C 48 -30.70 -0.35 -8.04
N ILE C 49 -29.46 0.07 -7.75
CA ILE C 49 -28.44 0.25 -8.78
C ILE C 49 -27.20 -0.54 -8.38
N GLN C 50 -26.40 -0.89 -9.38
CA GLN C 50 -25.19 -1.68 -9.18
C GLN C 50 -24.01 -0.96 -9.81
N MET C 51 -22.91 -0.88 -9.07
CA MET C 51 -21.67 -0.27 -9.54
C MET C 51 -20.56 -1.31 -9.51
N ARG C 52 -19.80 -1.39 -10.60
CA ARG C 52 -18.71 -2.35 -10.73
C ARG C 52 -17.38 -1.63 -10.68
N THR C 53 -16.37 -2.31 -10.13
CA THR C 53 -15.02 -1.76 -10.02
C THR C 53 -14.38 -1.79 -11.40
N ARG C 54 -14.42 -0.65 -12.09
CA ARG C 54 -13.86 -0.58 -13.43
C ARG C 54 -12.33 -0.56 -13.40
N ARG C 55 -11.75 0.18 -12.45
CA ARG C 55 -10.31 0.30 -12.33
C ARG C 55 -9.88 0.00 -10.90
N THR C 56 -8.72 -0.63 -10.76
CA THR C 56 -8.13 -0.93 -9.46
C THR C 56 -6.70 -0.43 -9.46
N LEU C 57 -6.40 0.53 -8.60
CA LEU C 57 -5.08 1.14 -8.51
C LEU C 57 -4.35 0.56 -7.30
N ARG C 58 -3.36 -0.29 -7.57
CA ARG C 58 -2.62 -1.00 -6.53
C ARG C 58 -1.14 -0.68 -6.67
N GLY C 59 -0.68 0.38 -6.01
CA GLY C 59 0.71 0.74 -6.03
C GLY C 59 1.23 1.31 -4.74
N HIS C 60 0.41 1.27 -3.69
CA HIS C 60 0.79 1.82 -2.39
C HIS C 60 1.29 0.71 -1.47
N LEU C 61 2.14 1.09 -0.53
CA LEU C 61 2.76 0.13 0.39
C LEU C 61 2.01 0.07 1.72
N ALA C 62 1.67 1.21 2.29
CA ALA C 62 1.01 1.29 3.59
C ALA C 62 -0.44 1.74 3.40
N LYS C 63 -1.13 1.91 4.54
CA LYS C 63 -2.52 2.34 4.51
C LYS C 63 -2.62 3.79 4.05
N ILE C 64 -3.65 4.08 3.27
CA ILE C 64 -3.90 5.42 2.76
C ILE C 64 -5.07 6.03 3.51
N TYR C 65 -5.12 7.36 3.52
CA TYR C 65 -6.17 8.08 4.23
C TYR C 65 -6.81 9.21 3.45
N ALA C 66 -6.26 9.62 2.32
CA ALA C 66 -6.77 10.78 1.60
C ALA C 66 -6.73 10.56 0.10
N MET C 67 -7.65 11.20 -0.59
CA MET C 67 -7.68 11.23 -2.05
C MET C 67 -8.48 12.45 -2.48
N HIS C 68 -8.25 12.89 -3.72
CA HIS C 68 -8.98 14.03 -4.26
C HIS C 68 -8.96 13.96 -5.78
N TRP C 69 -10.11 14.17 -6.40
CA TRP C 69 -10.23 14.15 -7.84
C TRP C 69 -9.81 15.49 -8.43
N GLY C 70 -9.56 15.48 -9.75
CA GLY C 70 -9.21 16.67 -10.48
C GLY C 70 -10.38 17.18 -11.33
N THR C 71 -10.17 18.36 -11.90
CA THR C 71 -11.17 18.95 -12.77
C THR C 71 -11.35 18.13 -14.05
N ASP C 72 -10.26 17.61 -14.59
CA ASP C 72 -10.32 16.76 -15.77
C ASP C 72 -10.88 15.37 -15.47
N SER C 73 -11.04 15.02 -14.18
CA SER C 73 -11.58 13.73 -13.77
C SER C 73 -10.76 12.56 -14.29
N ARG C 74 -9.45 12.76 -14.41
CA ARG C 74 -8.55 11.72 -14.87
C ARG C 74 -7.31 11.53 -13.99
N LEU C 75 -6.88 12.55 -13.27
CA LEU C 75 -5.71 12.47 -12.40
C LEU C 75 -6.15 12.37 -10.95
N LEU C 76 -5.49 11.50 -10.19
CA LEU C 76 -5.76 11.29 -8.78
C LEU C 76 -4.49 11.52 -7.97
N VAL C 77 -4.68 11.77 -6.68
CA VAL C 77 -3.58 11.86 -5.74
C VAL C 77 -3.98 11.12 -4.47
N SER C 78 -3.06 10.33 -3.94
CA SER C 78 -3.31 9.54 -2.74
C SER C 78 -2.13 9.63 -1.81
N ALA C 79 -2.42 9.76 -0.52
CA ALA C 79 -1.39 9.86 0.52
C ALA C 79 -1.46 8.62 1.41
N SER C 80 -0.31 7.99 1.64
CA SER C 80 -0.21 6.80 2.46
C SER C 80 0.78 7.05 3.60
N GLN C 81 0.96 6.03 4.43
CA GLN C 81 1.85 6.11 5.57
C GLN C 81 3.28 5.69 5.25
N ASP C 82 3.58 5.39 3.99
CA ASP C 82 4.93 5.05 3.57
C ASP C 82 5.76 6.28 3.20
N GLY C 83 5.22 7.47 3.40
CA GLY C 83 5.93 8.68 3.03
C GLY C 83 6.10 8.88 1.54
N LYS C 84 5.10 8.53 0.74
CA LYS C 84 5.13 8.71 -0.70
C LYS C 84 3.81 9.28 -1.18
N LEU C 85 3.87 10.33 -1.99
CA LEU C 85 2.71 10.89 -2.67
C LEU C 85 2.89 10.63 -4.15
N ILE C 86 1.93 9.95 -4.75
CA ILE C 86 2.01 9.53 -6.14
C ILE C 86 0.73 9.93 -6.87
N ILE C 87 0.88 10.36 -8.12
CA ILE C 87 -0.25 10.81 -8.92
C ILE C 87 -0.73 9.65 -9.79
N TRP C 88 -2.02 9.35 -9.72
CA TRP C 88 -2.62 8.25 -10.44
C TRP C 88 -3.25 8.72 -11.75
N ASP C 89 -3.42 7.77 -12.67
CA ASP C 89 -4.12 7.99 -13.92
C ASP C 89 -5.39 7.14 -13.90
N SER C 90 -6.55 7.82 -13.95
CA SER C 90 -7.82 7.11 -13.83
C SER C 90 -8.19 6.34 -15.08
N TYR C 91 -7.58 6.66 -16.23
CA TYR C 91 -7.93 6.04 -17.49
C TYR C 91 -6.96 4.93 -17.90
N THR C 92 -5.66 5.23 -17.91
CA THR C 92 -4.65 4.28 -18.36
C THR C 92 -4.03 3.47 -17.23
N THR C 93 -4.40 3.74 -15.98
CA THR C 93 -3.90 3.00 -14.82
C THR C 93 -2.38 3.06 -14.75
N ASN C 94 -1.85 4.28 -14.60
CA ASN C 94 -0.42 4.49 -14.52
C ASN C 94 -0.12 5.55 -13.47
N LYS C 95 1.11 5.52 -12.96
CA LYS C 95 1.56 6.47 -11.95
C LYS C 95 2.25 7.64 -12.66
N VAL C 96 1.63 8.81 -12.61
CA VAL C 96 2.19 9.98 -13.29
C VAL C 96 3.44 10.47 -12.58
N HIS C 97 3.39 10.54 -11.24
CA HIS C 97 4.49 11.07 -10.46
C HIS C 97 4.68 10.22 -9.21
N ALA C 98 5.84 10.40 -8.56
CA ALA C 98 6.15 9.74 -7.30
C ALA C 98 6.93 10.73 -6.45
N ILE C 99 6.24 11.44 -5.57
CA ILE C 99 6.83 12.50 -4.76
C ILE C 99 7.29 11.91 -3.44
N PRO C 100 8.58 11.88 -3.14
CA PRO C 100 9.02 11.50 -1.80
C PRO C 100 8.59 12.53 -0.76
N LEU C 101 8.34 12.04 0.45
CA LEU C 101 7.87 12.88 1.54
C LEU C 101 8.89 12.87 2.67
N ARG C 102 9.23 14.06 3.16
CA ARG C 102 10.13 14.17 4.30
C ARG C 102 9.51 13.61 5.58
N SER C 103 8.19 13.57 5.67
CA SER C 103 7.47 13.00 6.80
C SER C 103 6.56 11.89 6.30
N SER C 104 6.62 10.74 6.97
CA SER C 104 5.85 9.56 6.56
C SER C 104 4.47 9.50 7.22
N TRP C 105 4.09 10.51 8.00
CA TRP C 105 2.82 10.53 8.72
C TRP C 105 1.98 11.66 8.19
N VAL C 106 1.16 11.38 7.17
CA VAL C 106 0.27 12.35 6.56
C VAL C 106 -1.14 11.78 6.55
N MET C 107 -2.13 12.65 6.77
CA MET C 107 -3.52 12.24 6.84
C MET C 107 -4.42 12.93 5.84
N THR C 108 -3.91 13.90 5.09
CA THR C 108 -4.72 14.60 4.11
C THR C 108 -3.90 14.90 2.86
N CYS C 109 -4.59 15.07 1.74
CA CYS C 109 -3.97 15.44 0.49
C CYS C 109 -4.96 16.26 -0.32
N ALA C 110 -4.43 17.20 -1.10
CA ALA C 110 -5.26 18.09 -1.90
C ALA C 110 -4.67 18.23 -3.30
N TYR C 111 -5.54 18.26 -4.30
CA TYR C 111 -5.14 18.44 -5.69
C TYR C 111 -5.73 19.74 -6.20
N ALA C 112 -4.87 20.62 -6.72
CA ALA C 112 -5.31 21.91 -7.19
C ALA C 112 -6.22 21.75 -8.41
N PRO C 113 -7.24 22.60 -8.54
CA PRO C 113 -8.12 22.53 -9.72
C PRO C 113 -7.37 22.73 -11.03
N SER C 114 -6.34 23.57 -11.04
CA SER C 114 -5.54 23.74 -12.24
C SER C 114 -4.54 22.62 -12.46
N GLY C 115 -4.28 21.81 -11.43
CA GLY C 115 -3.34 20.71 -11.53
C GLY C 115 -1.88 21.10 -11.43
N ASN C 116 -1.58 22.37 -11.20
CA ASN C 116 -0.18 22.80 -11.13
C ASN C 116 0.48 22.42 -9.81
N TYR C 117 -0.29 22.36 -8.72
CA TYR C 117 0.26 22.11 -7.40
C TYR C 117 -0.51 20.99 -6.72
N VAL C 118 0.15 20.30 -5.80
CA VAL C 118 -0.46 19.28 -4.97
C VAL C 118 0.02 19.47 -3.54
N ALA C 119 -0.89 19.32 -2.58
CA ALA C 119 -0.59 19.55 -1.18
C ALA C 119 -0.92 18.31 -0.36
N CYS C 120 -0.18 18.13 0.73
CA CYS C 120 -0.41 17.02 1.65
C CYS C 120 -0.09 17.49 3.06
N GLY C 121 -0.72 16.85 4.05
CA GLY C 121 -0.50 17.20 5.43
C GLY C 121 -0.91 16.07 6.35
N GLY C 122 -0.55 16.21 7.62
CA GLY C 122 -0.86 15.20 8.61
C GLY C 122 -0.26 15.47 9.96
N LEU C 123 0.37 14.46 10.56
CA LEU C 123 0.95 14.58 11.90
C LEU C 123 2.20 15.44 11.91
N ASP C 124 2.73 15.82 10.75
CA ASP C 124 3.94 16.65 10.71
C ASP C 124 3.66 18.13 10.95
N ASN C 125 2.39 18.53 11.04
CA ASN C 125 1.98 19.91 11.29
C ASN C 125 2.47 20.88 10.21
N ILE C 126 2.86 20.36 9.04
CA ILE C 126 3.34 21.17 7.93
C ILE C 126 2.59 20.76 6.68
N CYS C 127 1.94 21.72 6.03
CA CYS C 127 1.20 21.47 4.80
C CYS C 127 2.13 21.76 3.62
N SER C 128 2.91 20.76 3.24
CA SER C 128 3.86 20.93 2.14
C SER C 128 3.12 21.09 0.81
N ILE C 129 3.62 22.00 -0.02
CA ILE C 129 3.08 22.24 -1.35
C ILE C 129 4.12 21.78 -2.36
N TYR C 130 3.72 20.87 -3.24
CA TYR C 130 4.59 20.31 -4.26
C TYR C 130 4.17 20.83 -5.63
N ASN C 131 5.15 21.31 -6.39
CA ASN C 131 4.91 21.86 -7.73
C ASN C 131 5.04 20.73 -8.75
N LEU C 132 3.89 20.25 -9.24
CA LEU C 132 3.92 19.19 -10.24
C LEU C 132 4.55 19.66 -11.54
N LYS C 133 4.23 20.89 -11.97
CA LYS C 133 4.77 21.44 -13.20
C LYS C 133 6.10 22.14 -12.93
N THR C 134 7.12 21.33 -12.68
CA THR C 134 8.46 21.81 -12.39
C THR C 134 9.31 21.77 -13.66
N ARG C 135 10.07 22.85 -13.89
CA ARG C 135 10.94 22.91 -15.05
C ARG C 135 12.10 21.92 -14.98
N GLU C 136 12.40 21.41 -13.79
CA GLU C 136 13.48 20.44 -13.61
C GLU C 136 13.01 19.00 -13.72
N GLY C 137 11.71 18.77 -13.95
CA GLY C 137 11.19 17.43 -14.08
C GLY C 137 10.74 16.83 -12.76
N ASN C 138 11.67 16.68 -11.82
CA ASN C 138 11.33 16.13 -10.52
C ASN C 138 10.43 17.08 -9.74
N VAL C 139 9.43 16.52 -9.07
CA VAL C 139 8.50 17.31 -8.27
C VAL C 139 9.07 17.49 -6.88
N ARG C 140 9.36 18.73 -6.51
CA ARG C 140 9.92 19.07 -5.21
C ARG C 140 8.97 20.00 -4.48
N VAL C 141 9.19 20.13 -3.17
CA VAL C 141 8.36 21.00 -2.36
C VAL C 141 8.60 22.46 -2.74
N SER C 142 7.54 23.27 -2.67
CA SER C 142 7.62 24.69 -3.01
C SER C 142 7.45 25.60 -1.81
N ARG C 143 6.52 25.28 -0.91
CA ARG C 143 6.30 26.10 0.28
C ARG C 143 5.81 25.21 1.40
N GLU C 144 6.37 25.39 2.60
CA GLU C 144 5.98 24.63 3.79
C GLU C 144 5.06 25.51 4.64
N LEU C 145 3.78 25.14 4.70
CA LEU C 145 2.79 25.90 5.45
C LEU C 145 2.84 25.47 6.92
N ALA C 146 3.89 25.92 7.60
CA ALA C 146 4.09 25.62 9.00
C ALA C 146 3.44 26.69 9.88
N GLY C 147 3.13 26.29 11.11
CA GLY C 147 2.48 27.19 12.05
C GLY C 147 1.19 26.64 12.61
N HIS C 148 1.05 25.31 12.60
CA HIS C 148 -0.12 24.63 13.14
C HIS C 148 0.30 23.79 14.34
N THR C 149 -0.44 23.91 15.43
CA THR C 149 -0.16 23.15 16.64
C THR C 149 -0.81 21.77 16.64
N GLY C 150 -1.67 21.48 15.67
CA GLY C 150 -2.32 20.20 15.56
C GLY C 150 -1.98 19.48 14.28
N TYR C 151 -2.61 18.31 14.11
CA TYR C 151 -2.40 17.49 12.92
C TYR C 151 -3.34 17.94 11.82
N LEU C 152 -2.80 18.08 10.62
CA LEU C 152 -3.61 18.50 9.48
C LEU C 152 -4.58 17.38 9.08
N SER C 153 -5.87 17.66 9.19
CA SER C 153 -6.91 16.67 8.93
C SER C 153 -7.47 16.74 7.52
N CYS C 154 -7.63 17.94 6.97
CA CYS C 154 -8.18 18.09 5.62
C CYS C 154 -7.48 19.25 4.93
N CYS C 155 -7.44 19.18 3.60
CA CYS C 155 -6.84 20.22 2.78
C CYS C 155 -7.65 20.34 1.49
N ARG C 156 -7.97 21.57 1.11
CA ARG C 156 -8.74 21.83 -0.10
C ARG C 156 -8.20 23.05 -0.82
N PHE C 157 -8.14 22.96 -2.14
CA PHE C 157 -7.68 24.05 -2.98
C PHE C 157 -8.86 24.79 -3.57
N LEU C 158 -8.92 26.11 -3.34
CA LEU C 158 -9.92 26.95 -3.98
C LEU C 158 -9.34 27.88 -5.03
N ASP C 159 -8.03 28.16 -4.97
CA ASP C 159 -7.35 28.97 -5.97
C ASP C 159 -5.94 28.43 -6.13
N ASP C 160 -5.21 28.99 -7.10
CA ASP C 160 -3.82 28.60 -7.32
C ASP C 160 -2.87 29.14 -6.26
N ASN C 161 -3.32 30.11 -5.45
CA ASN C 161 -2.49 30.68 -4.40
C ASN C 161 -3.17 30.68 -3.03
N GLN C 162 -4.38 30.15 -2.93
CA GLN C 162 -5.10 30.10 -1.66
C GLN C 162 -5.50 28.67 -1.36
N ILE C 163 -5.37 28.28 -0.10
CA ILE C 163 -5.70 26.92 0.34
C ILE C 163 -6.23 27.00 1.77
N VAL C 164 -7.30 26.26 2.03
CA VAL C 164 -7.89 26.15 3.37
C VAL C 164 -7.50 24.81 3.96
N THR C 165 -6.92 24.84 5.16
CA THR C 165 -6.42 23.64 5.82
C THR C 165 -7.00 23.55 7.22
N SER C 166 -7.51 22.38 7.57
CA SER C 166 -7.92 22.08 8.94
C SER C 166 -6.76 21.45 9.70
N SER C 167 -6.83 21.54 11.03
CA SER C 167 -5.77 21.04 11.88
C SER C 167 -6.36 20.57 13.20
N GLY C 168 -5.50 20.05 14.06
CA GLY C 168 -5.90 19.54 15.36
C GLY C 168 -6.09 20.56 16.44
N ASP C 169 -5.89 21.85 16.14
CA ASP C 169 -6.07 22.92 17.11
C ASP C 169 -7.51 23.44 17.14
N THR C 170 -8.47 22.64 16.67
CA THR C 170 -9.89 23.00 16.69
C THR C 170 -10.15 24.32 15.95
N THR C 171 -9.46 24.52 14.84
CA THR C 171 -9.65 25.73 14.05
C THR C 171 -9.21 25.45 12.61
N CYS C 172 -9.68 26.32 11.71
CA CYS C 172 -9.32 26.25 10.30
C CYS C 172 -8.58 27.53 9.91
N ALA C 173 -7.66 27.39 8.95
CA ALA C 173 -6.83 28.50 8.53
C ALA C 173 -6.79 28.57 7.01
N LEU C 174 -6.79 29.79 6.48
CA LEU C 174 -6.63 30.04 5.06
C LEU C 174 -5.19 30.49 4.82
N TRP C 175 -4.49 29.80 3.94
CA TRP C 175 -3.08 30.02 3.69
C TRP C 175 -2.84 30.60 2.31
N ASP C 176 -1.68 31.23 2.15
CA ASP C 176 -1.22 31.74 0.86
C ASP C 176 0.14 31.13 0.57
N ILE C 177 0.26 30.44 -0.56
CA ILE C 177 1.49 29.73 -0.90
C ILE C 177 2.61 30.72 -1.20
N GLU C 178 2.30 31.80 -1.92
CA GLU C 178 3.33 32.76 -2.31
C GLU C 178 3.97 33.43 -1.09
N THR C 179 3.13 33.92 -0.17
CA THR C 179 3.66 34.57 1.02
C THR C 179 4.16 33.55 2.04
N GLY C 180 3.53 32.38 2.11
CA GLY C 180 3.91 31.35 3.06
C GLY C 180 3.32 31.51 4.44
N GLN C 181 2.44 32.49 4.65
CA GLN C 181 1.81 32.72 5.94
C GLN C 181 0.29 32.68 5.79
N GLN C 182 -0.38 32.23 6.85
CA GLN C 182 -1.83 32.15 6.83
C GLN C 182 -2.44 33.56 6.76
N THR C 183 -3.56 33.67 6.04
CA THR C 183 -4.22 34.95 5.86
C THR C 183 -5.32 35.16 6.88
N THR C 184 -6.32 34.26 6.91
CA THR C 184 -7.42 34.34 7.85
C THR C 184 -7.54 33.03 8.61
N THR C 185 -7.80 33.13 9.91
CA THR C 185 -7.96 31.97 10.77
C THR C 185 -9.41 31.86 11.19
N PHE C 186 -10.00 30.68 10.97
CA PHE C 186 -11.41 30.43 11.29
C PHE C 186 -11.48 29.81 12.69
N THR C 187 -11.82 30.63 13.68
CA THR C 187 -11.90 30.20 15.07
C THR C 187 -13.36 30.17 15.51
N GLY C 188 -13.71 29.20 16.35
CA GLY C 188 -15.07 29.05 16.82
C GLY C 188 -15.48 27.60 16.95
N HIS C 189 -14.63 26.70 16.47
CA HIS C 189 -14.90 25.26 16.54
C HIS C 189 -14.47 24.76 17.91
N THR C 190 -15.43 24.36 18.74
CA THR C 190 -15.09 23.78 20.04
C THR C 190 -14.42 22.42 19.88
N GLY C 191 -14.89 21.61 18.93
CA GLY C 191 -14.30 20.32 18.67
C GLY C 191 -13.21 20.37 17.62
N ASP C 192 -12.53 19.24 17.45
CA ASP C 192 -11.43 19.14 16.50
C ASP C 192 -11.98 18.92 15.09
N VAL C 193 -11.67 19.86 14.19
CA VAL C 193 -12.14 19.75 12.82
C VAL C 193 -11.46 18.57 12.12
N MET C 194 -12.21 17.88 11.26
CA MET C 194 -11.68 16.68 10.63
C MET C 194 -11.83 16.72 9.12
N SER C 195 -12.85 17.42 8.61
CA SER C 195 -13.16 17.42 7.19
C SER C 195 -13.47 18.83 6.72
N LEU C 196 -13.28 19.06 5.41
CA LEU C 196 -13.60 20.32 4.77
C LEU C 196 -14.33 20.05 3.46
N SER C 197 -15.12 21.03 3.04
CA SER C 197 -15.83 20.97 1.77
C SER C 197 -15.97 22.38 1.22
N LEU C 198 -15.68 22.53 -0.07
CA LEU C 198 -15.74 23.82 -0.75
C LEU C 198 -16.99 23.87 -1.64
N ALA C 199 -17.75 24.94 -1.51
CA ALA C 199 -18.94 25.10 -2.33
C ALA C 199 -18.53 25.40 -3.78
N PRO C 200 -19.40 25.08 -4.74
CA PRO C 200 -19.08 25.41 -6.15
C PRO C 200 -18.86 26.89 -6.37
N ASP C 201 -19.55 27.76 -5.64
CA ASP C 201 -19.34 29.20 -5.79
C ASP C 201 -18.01 29.65 -5.18
N THR C 202 -17.37 28.83 -4.35
CA THR C 202 -16.05 29.02 -3.77
C THR C 202 -16.05 30.16 -2.74
N ARG C 203 -17.14 30.92 -2.61
CA ARG C 203 -17.16 32.05 -1.69
C ARG C 203 -17.21 31.57 -0.23
N LEU C 204 -17.92 30.49 0.04
CA LEU C 204 -18.13 30.01 1.39
C LEU C 204 -17.89 28.51 1.46
N PHE C 205 -17.50 28.03 2.63
CA PHE C 205 -17.23 26.62 2.86
C PHE C 205 -17.71 26.23 4.25
N VAL C 206 -17.98 24.94 4.41
CA VAL C 206 -18.47 24.39 5.68
C VAL C 206 -17.47 23.36 6.18
N SER C 207 -17.37 23.24 7.50
CA SER C 207 -16.45 22.31 8.14
C SER C 207 -17.16 21.57 9.26
N GLY C 208 -16.66 20.38 9.56
CA GLY C 208 -17.21 19.57 10.63
C GLY C 208 -16.13 19.20 11.62
N ALA C 209 -16.54 19.10 12.89
CA ALA C 209 -15.59 18.82 13.96
C ALA C 209 -16.05 17.70 14.87
N CYS C 210 -15.35 17.50 15.99
CA CYS C 210 -15.66 16.43 16.92
C CYS C 210 -16.80 16.76 17.87
N ASP C 211 -17.29 18.01 17.86
CA ASP C 211 -18.37 18.42 18.74
C ASP C 211 -19.75 18.24 18.12
N ALA C 212 -19.84 17.44 17.05
CA ALA C 212 -21.10 17.20 16.34
C ALA C 212 -21.74 18.50 15.85
N SER C 213 -20.92 19.47 15.46
CA SER C 213 -21.39 20.76 14.99
C SER C 213 -20.75 21.07 13.65
N ALA C 214 -21.56 21.47 12.68
CA ALA C 214 -21.08 21.87 11.36
C ALA C 214 -21.15 23.39 11.28
N LYS C 215 -19.98 24.03 11.30
CA LYS C 215 -19.89 25.49 11.28
C LYS C 215 -19.61 25.96 9.87
N LEU C 216 -20.43 26.90 9.39
CA LEU C 216 -20.25 27.48 8.06
C LEU C 216 -19.29 28.66 8.15
N TRP C 217 -18.38 28.75 7.17
CA TRP C 217 -17.38 29.79 7.13
C TRP C 217 -17.36 30.45 5.76
N ASP C 218 -16.87 31.68 5.72
CA ASP C 218 -16.71 32.44 4.48
C ASP C 218 -15.24 32.75 4.29
N VAL C 219 -14.75 32.50 3.07
CA VAL C 219 -13.33 32.74 2.77
C VAL C 219 -13.02 34.23 2.85
N ARG C 220 -13.87 35.06 2.26
CA ARG C 220 -13.62 36.50 2.26
C ARG C 220 -13.85 37.10 3.65
N GLU C 221 -14.96 36.73 4.30
CA GLU C 221 -15.26 37.29 5.61
C GLU C 221 -14.29 36.75 6.67
N GLY C 222 -13.99 35.46 6.64
CA GLY C 222 -13.11 34.86 7.62
C GLY C 222 -13.73 34.56 8.96
N MET C 223 -15.05 34.70 9.09
CA MET C 223 -15.74 34.46 10.35
C MET C 223 -17.01 33.67 10.09
N CYS C 224 -17.44 32.91 11.10
CA CYS C 224 -18.56 32.00 10.93
C CYS C 224 -19.88 32.75 10.80
N ARG C 225 -20.78 32.17 10.00
CA ARG C 225 -22.11 32.74 9.79
C ARG C 225 -23.24 31.80 10.19
N GLN C 226 -23.08 30.49 9.97
CA GLN C 226 -24.14 29.53 10.23
C GLN C 226 -23.60 28.35 11.01
N THR C 227 -24.44 27.81 11.89
CA THR C 227 -24.07 26.68 12.74
C THR C 227 -25.13 25.60 12.62
N PHE C 228 -24.69 24.36 12.43
CA PHE C 228 -25.58 23.20 12.31
C PHE C 228 -25.27 22.22 13.42
N THR C 229 -26.31 21.83 14.17
CA THR C 229 -26.20 20.87 15.27
C THR C 229 -27.32 19.85 15.11
N GLY C 230 -27.03 18.76 14.40
CA GLY C 230 -28.02 17.72 14.17
C GLY C 230 -27.55 16.34 14.58
N HIS C 231 -26.24 16.17 14.73
CA HIS C 231 -25.66 14.88 15.10
C HIS C 231 -25.32 14.86 16.58
N GLU C 232 -25.01 13.66 17.07
CA GLU C 232 -24.68 13.46 18.48
C GLU C 232 -23.31 12.82 18.69
N SER C 233 -22.56 12.55 17.63
CA SER C 233 -21.25 11.92 17.74
C SER C 233 -20.24 12.70 16.91
N ASP C 234 -19.01 12.19 16.88
CA ASP C 234 -17.94 12.85 16.15
C ASP C 234 -18.23 12.86 14.66
N ILE C 235 -18.02 14.02 14.03
CA ILE C 235 -18.22 14.20 12.59
C ILE C 235 -16.86 14.35 11.93
N ASN C 236 -16.60 13.50 10.93
CA ASN C 236 -15.33 13.52 10.23
C ASN C 236 -15.49 13.51 8.71
N ALA C 237 -16.71 13.70 8.21
CA ALA C 237 -16.97 13.72 6.78
C ALA C 237 -17.98 14.82 6.46
N ILE C 238 -17.76 15.50 5.35
CA ILE C 238 -18.63 16.60 4.93
C ILE C 238 -18.47 16.80 3.43
N CYS C 239 -19.54 17.26 2.78
CA CYS C 239 -19.53 17.48 1.34
C CYS C 239 -20.72 18.37 0.97
N PHE C 240 -20.46 19.38 0.16
CA PHE C 240 -21.51 20.27 -0.29
C PHE C 240 -22.41 19.60 -1.32
N PHE C 241 -23.67 20.05 -1.36
CA PHE C 241 -24.57 19.65 -2.44
C PHE C 241 -24.13 20.32 -3.74
N PRO C 242 -24.40 19.68 -4.88
CA PRO C 242 -24.08 20.34 -6.16
C PRO C 242 -24.77 21.69 -6.34
N ASN C 243 -25.99 21.85 -5.81
CA ASN C 243 -26.65 23.14 -5.88
C ASN C 243 -25.95 24.18 -5.02
N GLY C 244 -25.27 23.75 -3.95
CA GLY C 244 -24.58 24.66 -3.06
C GLY C 244 -25.42 25.18 -1.91
N ASN C 245 -26.71 24.86 -1.87
CA ASN C 245 -27.60 25.31 -0.81
C ASN C 245 -27.77 24.26 0.28
N ALA C 246 -27.05 23.14 0.20
CA ALA C 246 -27.19 22.08 1.18
C ALA C 246 -25.87 21.32 1.28
N PHE C 247 -25.77 20.50 2.31
CA PHE C 247 -24.59 19.65 2.50
C PHE C 247 -24.96 18.52 3.44
N ALA C 248 -24.14 17.46 3.41
CA ALA C 248 -24.34 16.29 4.25
C ALA C 248 -23.08 16.02 5.05
N THR C 249 -23.26 15.47 6.25
CA THR C 249 -22.17 15.17 7.16
C THR C 249 -22.20 13.69 7.53
N GLY C 250 -21.03 13.08 7.58
CA GLY C 250 -20.91 11.69 8.00
C GLY C 250 -20.25 11.58 9.36
N SER C 251 -21.01 11.13 10.36
CA SER C 251 -20.53 11.07 11.73
C SER C 251 -20.15 9.63 12.08
N ASP C 252 -19.80 9.41 13.34
CA ASP C 252 -19.34 8.11 13.82
C ASP C 252 -20.44 7.22 14.35
N ASP C 253 -21.69 7.69 14.35
CA ASP C 253 -22.82 6.90 14.81
C ASP C 253 -23.67 6.35 13.66
N ALA C 254 -23.09 6.23 12.47
CA ALA C 254 -23.74 5.65 11.30
C ALA C 254 -25.01 6.42 10.94
N THR C 255 -24.84 7.70 10.62
CA THR C 255 -25.96 8.53 10.22
C THR C 255 -25.47 9.67 9.36
N CYS C 256 -26.33 10.10 8.43
CA CYS C 256 -26.07 11.24 7.56
C CYS C 256 -27.30 12.11 7.52
N ARG C 257 -27.10 13.43 7.63
CA ARG C 257 -28.18 14.40 7.62
C ARG C 257 -27.94 15.42 6.52
N LEU C 258 -28.96 15.67 5.71
CA LEU C 258 -28.87 16.65 4.63
C LEU C 258 -29.24 18.03 5.19
N PHE C 259 -28.24 18.67 5.81
CA PHE C 259 -28.45 20.00 6.36
C PHE C 259 -28.67 21.02 5.24
N ASP C 260 -29.59 21.94 5.48
CA ASP C 260 -29.96 22.96 4.52
C ASP C 260 -29.44 24.32 4.97
N LEU C 261 -28.74 25.01 4.07
CA LEU C 261 -28.18 26.32 4.40
C LEU C 261 -29.29 27.34 4.68
N ARG C 262 -30.35 27.32 3.87
CA ARG C 262 -31.42 28.31 4.00
C ARG C 262 -32.49 27.91 5.00
N ALA C 263 -32.42 26.70 5.55
CA ALA C 263 -33.42 26.25 6.52
C ALA C 263 -32.85 26.01 7.92
N ASP C 264 -31.52 25.93 8.06
CA ASP C 264 -30.87 25.72 9.36
C ASP C 264 -31.32 24.43 10.02
N GLN C 265 -31.67 23.42 9.23
CA GLN C 265 -32.14 22.15 9.77
C GLN C 265 -31.85 21.03 8.79
N GLU C 266 -31.82 19.81 9.31
CA GLU C 266 -31.61 18.63 8.49
C GLU C 266 -32.92 18.21 7.82
N LEU C 267 -32.78 17.55 6.67
CA LEU C 267 -33.94 17.13 5.89
C LEU C 267 -34.35 15.69 6.22
N MET C 268 -33.43 14.74 6.04
CA MET C 268 -33.68 13.34 6.36
C MET C 268 -32.45 12.74 7.04
N THR C 269 -32.70 11.64 7.75
CA THR C 269 -31.65 10.86 8.39
C THR C 269 -31.34 9.65 7.53
N TYR C 270 -30.09 9.54 7.08
CA TYR C 270 -29.65 8.43 6.24
C TYR C 270 -28.96 7.40 7.12
N SER C 271 -29.77 6.48 7.66
CA SER C 271 -29.26 5.47 8.58
C SER C 271 -30.17 4.24 8.51
N HIS C 272 -29.64 3.11 8.98
CA HIS C 272 -30.38 1.86 9.03
C HIS C 272 -29.97 1.11 10.28
N ASP C 273 -30.84 0.21 10.73
CA ASP C 273 -30.60 -0.53 11.97
C ASP C 273 -29.55 -1.63 11.80
N ASN C 274 -29.15 -1.94 10.57
CA ASN C 274 -28.21 -3.03 10.33
C ASN C 274 -26.75 -2.56 10.35
N ILE C 275 -26.50 -1.29 10.63
CA ILE C 275 -25.14 -0.73 10.64
C ILE C 275 -24.85 -0.19 12.04
N ILE C 276 -23.69 -0.57 12.57
CA ILE C 276 -23.25 -0.10 13.88
C ILE C 276 -21.98 0.73 13.82
N CYS C 277 -21.11 0.48 12.85
CA CYS C 277 -19.85 1.19 12.74
C CYS C 277 -20.08 2.64 12.33
N GLY C 278 -18.99 3.41 12.29
CA GLY C 278 -19.06 4.82 11.94
C GLY C 278 -18.83 5.07 10.46
N ILE C 279 -18.95 6.34 10.09
CA ILE C 279 -18.75 6.80 8.72
C ILE C 279 -17.46 7.60 8.67
N THR C 280 -16.65 7.35 7.63
CA THR C 280 -15.36 7.98 7.49
C THR C 280 -15.24 8.92 6.31
N SER C 281 -16.14 8.85 5.33
CA SER C 281 -16.09 9.75 4.18
C SER C 281 -17.45 9.76 3.50
N VAL C 282 -17.89 10.96 3.10
CA VAL C 282 -19.16 11.13 2.40
C VAL C 282 -18.91 12.02 1.18
N SER C 283 -19.61 11.73 0.09
CA SER C 283 -19.49 12.52 -1.12
C SER C 283 -20.80 12.49 -1.88
N PHE C 284 -20.99 13.49 -2.74
CA PHE C 284 -22.19 13.65 -3.54
C PHE C 284 -21.89 13.37 -5.00
N SER C 285 -22.94 13.00 -5.73
CA SER C 285 -22.84 12.82 -7.17
C SER C 285 -22.95 14.17 -7.87
N LYS C 286 -22.83 14.17 -9.20
CA LYS C 286 -22.94 15.41 -9.95
C LYS C 286 -24.34 16.00 -9.86
N SER C 287 -25.37 15.16 -9.96
CA SER C 287 -26.74 15.64 -9.89
C SER C 287 -27.17 15.98 -8.46
N GLY C 288 -26.66 15.25 -7.48
CA GLY C 288 -27.08 15.40 -6.10
C GLY C 288 -28.19 14.47 -5.68
N ARG C 289 -28.84 13.80 -6.62
CA ARG C 289 -29.86 12.81 -6.26
C ARG C 289 -29.25 11.61 -5.55
N LEU C 290 -28.03 11.24 -5.91
CA LEU C 290 -27.36 10.08 -5.34
C LEU C 290 -26.33 10.53 -4.32
N LEU C 291 -26.42 9.98 -3.11
CA LEU C 291 -25.50 10.29 -2.03
C LEU C 291 -24.67 9.05 -1.71
N LEU C 292 -23.36 9.23 -1.65
CA LEU C 292 -22.42 8.13 -1.39
C LEU C 292 -21.73 8.37 -0.05
N ALA C 293 -21.73 7.34 0.80
CA ALA C 293 -21.11 7.41 2.11
C ALA C 293 -20.16 6.24 2.30
N GLY C 294 -18.99 6.52 2.86
CA GLY C 294 -18.01 5.49 3.13
C GLY C 294 -18.04 5.04 4.59
N TYR C 295 -18.50 3.81 4.81
CA TYR C 295 -18.64 3.29 6.16
C TYR C 295 -17.38 2.52 6.58
N ASP C 296 -17.35 2.15 7.86
CA ASP C 296 -16.22 1.44 8.44
C ASP C 296 -16.44 -0.07 8.51
N ASP C 297 -17.51 -0.57 7.88
CA ASP C 297 -17.84 -1.99 7.90
C ASP C 297 -17.19 -2.76 6.77
N PHE C 298 -16.05 -2.28 6.26
CA PHE C 298 -15.38 -2.88 5.10
C PHE C 298 -16.28 -2.85 3.86
N ASN C 299 -17.16 -1.85 3.79
CA ASN C 299 -18.15 -1.78 2.72
C ASN C 299 -18.56 -0.33 2.54
N CYS C 300 -19.01 0.00 1.33
CA CYS C 300 -19.51 1.33 1.00
C CYS C 300 -20.98 1.24 0.61
N ASN C 301 -21.78 2.15 1.15
CA ASN C 301 -23.21 2.18 0.91
C ASN C 301 -23.60 3.45 0.17
N VAL C 302 -24.72 3.36 -0.55
CA VAL C 302 -25.24 4.46 -1.35
C VAL C 302 -26.64 4.80 -0.86
N TRP C 303 -26.89 6.07 -0.60
CA TRP C 303 -28.18 6.54 -0.11
C TRP C 303 -28.82 7.48 -1.12
N ASP C 304 -30.14 7.47 -1.16
CA ASP C 304 -30.91 8.37 -2.01
C ASP C 304 -31.18 9.67 -1.25
N ALA C 305 -30.80 10.79 -1.85
CA ALA C 305 -30.93 12.08 -1.17
C ALA C 305 -32.37 12.52 -0.99
N LEU C 306 -33.29 11.98 -1.79
CA LEU C 306 -34.69 12.40 -1.73
C LEU C 306 -35.62 11.37 -1.10
N LYS C 307 -35.18 10.12 -0.96
CA LYS C 307 -36.00 9.07 -0.37
C LYS C 307 -35.37 8.41 0.84
N ALA C 308 -34.09 8.63 1.11
CA ALA C 308 -33.38 8.03 2.24
C ALA C 308 -33.50 6.50 2.22
N ASP C 309 -32.99 5.92 1.13
CA ASP C 309 -33.01 4.47 0.95
C ASP C 309 -31.63 4.00 0.52
N ARG C 310 -31.29 2.76 0.89
CA ARG C 310 -30.00 2.18 0.55
C ARG C 310 -30.07 1.66 -0.89
N ALA C 311 -29.98 2.61 -1.83
CA ALA C 311 -30.08 2.30 -3.25
C ALA C 311 -28.69 1.98 -3.79
N GLY C 312 -28.26 0.75 -3.53
CA GLY C 312 -26.97 0.28 -4.03
C GLY C 312 -25.97 0.07 -2.92
N VAL C 313 -25.27 -1.06 -2.97
CA VAL C 313 -24.23 -1.40 -2.01
C VAL C 313 -22.95 -1.69 -2.79
N LEU C 314 -21.85 -1.08 -2.35
CA LEU C 314 -20.54 -1.22 -3.00
C LEU C 314 -19.67 -2.12 -2.13
N ALA C 315 -19.64 -3.41 -2.47
CA ALA C 315 -18.81 -4.39 -1.77
C ALA C 315 -17.44 -4.39 -2.43
N GLY C 316 -16.54 -3.55 -1.91
CA GLY C 316 -15.22 -3.41 -2.50
C GLY C 316 -14.10 -3.95 -1.62
N HIS C 317 -13.41 -3.05 -0.92
CA HIS C 317 -12.27 -3.43 -0.11
C HIS C 317 -12.72 -4.18 1.14
N ASP C 318 -11.74 -4.52 1.98
CA ASP C 318 -12.00 -5.24 3.22
C ASP C 318 -11.51 -4.50 4.46
N ASN C 319 -11.25 -3.20 4.35
CA ASN C 319 -10.77 -2.40 5.46
C ASN C 319 -11.44 -1.03 5.42
N ARG C 320 -11.03 -0.16 6.35
CA ARG C 320 -11.60 1.18 6.42
C ARG C 320 -11.33 1.95 5.14
N VAL C 321 -12.37 2.60 4.61
CA VAL C 321 -12.30 3.23 3.30
C VAL C 321 -11.53 4.54 3.38
N SER C 322 -12.09 5.53 4.08
CA SER C 322 -11.45 6.80 4.36
C SER C 322 -11.08 7.59 3.09
N CYS C 323 -11.43 7.08 1.91
CA CYS C 323 -10.98 7.66 0.65
C CYS C 323 -12.09 7.65 -0.39
N LEU C 324 -13.30 8.05 0.02
CA LEU C 324 -14.41 8.13 -0.92
C LEU C 324 -14.39 9.46 -1.65
N GLY C 325 -14.56 9.42 -2.97
CA GLY C 325 -14.56 10.62 -3.77
C GLY C 325 -15.30 10.42 -5.07
N VAL C 326 -15.78 11.53 -5.62
CA VAL C 326 -16.55 11.54 -6.86
C VAL C 326 -15.93 12.57 -7.81
N THR C 327 -15.92 12.25 -9.10
CA THR C 327 -15.40 13.17 -10.10
C THR C 327 -16.29 14.42 -10.20
N ASP C 328 -15.68 15.50 -10.69
CA ASP C 328 -16.42 16.75 -10.86
C ASP C 328 -17.53 16.60 -11.91
N ASP C 329 -17.27 15.85 -12.97
CA ASP C 329 -18.25 15.62 -14.01
C ASP C 329 -19.11 14.39 -13.74
N GLY C 330 -18.96 13.76 -12.58
CA GLY C 330 -19.78 12.61 -12.21
C GLY C 330 -19.61 11.40 -13.10
N MET C 331 -18.37 11.10 -13.50
CA MET C 331 -18.13 9.96 -14.38
C MET C 331 -17.67 8.73 -13.61
N ALA C 332 -16.85 8.91 -12.57
CA ALA C 332 -16.29 7.80 -11.81
C ALA C 332 -16.39 8.09 -10.32
N VAL C 333 -16.25 7.04 -9.53
CA VAL C 333 -16.26 7.13 -8.07
C VAL C 333 -15.07 6.30 -7.58
N ALA C 334 -13.97 6.97 -7.26
CA ALA C 334 -12.82 6.27 -6.72
C ALA C 334 -12.99 6.06 -5.23
N THR C 335 -12.60 4.86 -4.76
CA THR C 335 -12.80 4.46 -3.37
C THR C 335 -11.56 3.71 -2.90
N GLY C 336 -10.72 4.38 -2.13
CA GLY C 336 -9.55 3.74 -1.53
C GLY C 336 -9.86 3.18 -0.16
N SER C 337 -8.85 2.53 0.42
CA SER C 337 -8.99 1.94 1.75
C SER C 337 -7.60 1.71 2.33
N TRP C 338 -7.57 1.20 3.57
CA TRP C 338 -6.32 0.96 4.28
C TRP C 338 -5.51 -0.19 3.69
N ASP C 339 -6.09 -0.97 2.78
CA ASP C 339 -5.39 -2.07 2.14
C ASP C 339 -4.49 -1.62 1.00
N SER C 340 -4.19 -0.32 0.92
CA SER C 340 -3.34 0.25 -0.13
C SER C 340 -3.92 -0.01 -1.52
N PHE C 341 -5.24 0.00 -1.65
CA PHE C 341 -5.91 -0.24 -2.91
C PHE C 341 -6.88 0.89 -3.21
N LEU C 342 -6.96 1.27 -4.48
CA LEU C 342 -7.90 2.27 -4.97
C LEU C 342 -8.82 1.61 -5.98
N LYS C 343 -10.11 1.55 -5.65
CA LYS C 343 -11.12 0.99 -6.54
C LYS C 343 -11.94 2.11 -7.14
N ILE C 344 -12.06 2.10 -8.47
CA ILE C 344 -12.82 3.11 -9.20
C ILE C 344 -14.12 2.48 -9.67
N TRP C 345 -15.24 3.07 -9.29
CA TRP C 345 -16.56 2.55 -9.59
C TRP C 345 -17.24 3.43 -10.63
N ASN C 346 -18.27 2.86 -11.25
CA ASN C 346 -19.04 3.57 -12.28
C ASN C 346 -20.46 3.01 -12.38
N THR D 6 -9.23 35.86 34.48
CA THR D 6 -9.80 34.70 33.80
C THR D 6 -10.11 35.04 32.34
N ALA D 7 -9.62 34.20 31.43
CA ALA D 7 -9.80 34.41 30.00
C ALA D 7 -11.13 33.86 29.49
N SER D 8 -11.94 33.23 30.35
CA SER D 8 -13.21 32.69 29.91
C SER D 8 -14.22 33.78 29.57
N ILE D 9 -14.03 35.00 30.07
CA ILE D 9 -14.96 36.10 29.77
C ILE D 9 -14.91 36.43 28.28
N ALA D 10 -13.72 36.47 27.70
CA ALA D 10 -13.60 36.76 26.27
C ALA D 10 -14.25 35.67 25.43
N GLN D 11 -14.04 34.41 25.81
CA GLN D 11 -14.68 33.31 25.08
C GLN D 11 -16.19 33.38 25.19
N ALA D 12 -16.70 33.69 26.39
CA ALA D 12 -18.14 33.78 26.57
C ALA D 12 -18.74 34.92 25.76
N ARG D 13 -18.09 36.08 25.75
CA ARG D 13 -18.62 37.21 24.99
C ARG D 13 -18.54 36.95 23.49
N LYS D 14 -17.47 36.30 23.03
CA LYS D 14 -17.39 35.93 21.62
C LYS D 14 -18.49 34.95 21.24
N LEU D 15 -18.76 33.96 22.10
CA LEU D 15 -19.79 32.99 21.82
C LEU D 15 -21.17 33.63 21.79
N VAL D 16 -21.46 34.52 22.74
CA VAL D 16 -22.78 35.14 22.78
C VAL D 16 -22.95 36.08 21.60
N GLU D 17 -21.88 36.77 21.18
CA GLU D 17 -21.95 37.59 19.97
C GLU D 17 -22.20 36.73 18.73
N GLN D 18 -21.55 35.57 18.66
CA GLN D 18 -21.75 34.66 17.54
C GLN D 18 -23.21 34.21 17.47
N LEU D 19 -23.77 33.80 18.61
CA LEU D 19 -25.18 33.39 18.63
C LEU D 19 -26.11 34.56 18.31
N LYS D 20 -25.79 35.76 18.80
CA LYS D 20 -26.64 36.92 18.52
C LYS D 20 -26.66 37.24 17.02
N MET D 21 -25.50 37.19 16.37
CA MET D 21 -25.49 37.47 14.93
C MET D 21 -26.10 36.33 14.14
N GLU D 22 -25.98 35.09 14.63
CA GLU D 22 -26.62 33.96 13.95
C GLU D 22 -28.14 34.02 14.07
N ALA D 23 -28.65 34.57 15.17
CA ALA D 23 -30.10 34.67 15.35
C ALA D 23 -30.73 35.59 14.32
N ASN D 24 -30.05 36.69 13.99
CA ASN D 24 -30.58 37.67 13.04
C ASN D 24 -30.29 37.24 11.60
N ILE D 25 -30.78 36.05 11.27
CA ILE D 25 -30.63 35.48 9.93
C ILE D 25 -32.02 35.06 9.45
N ASP D 26 -32.40 35.53 8.26
CA ASP D 26 -33.70 35.18 7.71
C ASP D 26 -33.69 33.72 7.24
N ARG D 27 -34.74 32.98 7.62
CA ARG D 27 -34.88 31.57 7.27
C ARG D 27 -36.14 31.39 6.44
N ILE D 28 -35.98 30.77 5.26
CA ILE D 28 -37.13 30.48 4.42
C ILE D 28 -37.81 29.19 4.88
N LYS D 29 -39.02 28.97 4.37
CA LYS D 29 -39.73 27.75 4.69
C LYS D 29 -39.01 26.53 4.16
N VAL D 30 -38.99 25.46 4.96
CA VAL D 30 -38.28 24.25 4.54
C VAL D 30 -38.96 23.61 3.34
N SER D 31 -40.26 23.82 3.18
CA SER D 31 -40.97 23.25 2.03
C SER D 31 -40.46 23.82 0.72
N LYS D 32 -40.25 25.14 0.67
CA LYS D 32 -39.76 25.76 -0.55
C LYS D 32 -38.36 25.28 -0.90
N ALA D 33 -37.48 25.19 0.10
CA ALA D 33 -36.13 24.70 -0.15
C ALA D 33 -36.14 23.24 -0.60
N ALA D 34 -36.98 22.42 0.02
CA ALA D 34 -37.10 21.03 -0.39
C ALA D 34 -37.60 20.92 -1.82
N ALA D 35 -38.59 21.74 -2.19
CA ALA D 35 -39.09 21.74 -3.56
C ALA D 35 -38.01 22.18 -4.54
N ASP D 36 -37.21 23.19 -4.17
CA ASP D 36 -36.12 23.64 -5.04
C ASP D 36 -35.08 22.54 -5.23
N LEU D 37 -34.72 21.86 -4.14
CA LEU D 37 -33.76 20.76 -4.26
C LEU D 37 -34.31 19.63 -5.12
N MET D 38 -35.59 19.30 -4.95
CA MET D 38 -36.21 18.27 -5.76
C MET D 38 -36.21 18.66 -7.24
N ALA D 39 -36.53 19.92 -7.53
CA ALA D 39 -36.51 20.38 -8.92
C ALA D 39 -35.11 20.34 -9.51
N TYR D 40 -34.10 20.74 -8.73
CA TYR D 40 -32.73 20.67 -9.21
C TYR D 40 -32.31 19.23 -9.50
N CYS D 41 -32.66 18.31 -8.59
CA CYS D 41 -32.31 16.90 -8.79
C CYS D 41 -33.04 16.33 -10.01
N GLU D 42 -34.29 16.70 -10.21
CA GLU D 42 -35.03 16.23 -11.38
C GLU D 42 -34.41 16.78 -12.67
N ALA D 43 -34.02 18.06 -12.65
CA ALA D 43 -33.40 18.66 -13.83
C ALA D 43 -32.07 17.99 -14.17
N HIS D 44 -31.26 17.70 -13.15
CA HIS D 44 -29.95 17.08 -13.37
C HIS D 44 -30.02 15.57 -13.43
N ALA D 45 -31.21 14.97 -13.29
CA ALA D 45 -31.32 13.51 -13.32
C ALA D 45 -30.98 12.95 -14.69
N LYS D 46 -31.41 13.63 -15.76
CA LYS D 46 -31.21 13.11 -17.12
C LYS D 46 -29.75 13.18 -17.57
N GLU D 47 -28.87 13.85 -16.81
CA GLU D 47 -27.50 14.03 -17.21
C GLU D 47 -26.50 13.35 -16.28
N ASP D 48 -26.95 12.78 -15.17
CA ASP D 48 -26.04 12.14 -14.22
C ASP D 48 -25.71 10.73 -14.68
N PRO D 49 -24.44 10.42 -14.97
CA PRO D 49 -24.10 9.03 -15.34
C PRO D 49 -24.35 8.02 -14.24
N LEU D 50 -24.18 8.40 -12.97
CA LEU D 50 -24.43 7.45 -11.88
C LEU D 50 -25.91 7.07 -11.81
N LEU D 51 -26.80 8.06 -11.91
CA LEU D 51 -28.22 7.78 -11.79
C LEU D 51 -28.74 7.04 -13.02
N THR D 52 -28.36 7.48 -14.22
CA THR D 52 -28.76 6.82 -15.45
C THR D 52 -27.54 6.12 -16.06
N PRO D 53 -27.51 4.79 -16.11
CA PRO D 53 -26.31 4.10 -16.62
C PRO D 53 -26.06 4.39 -18.09
N VAL D 54 -24.95 5.07 -18.37
CA VAL D 54 -24.57 5.44 -19.74
C VAL D 54 -24.06 4.20 -20.47
N PRO D 55 -24.20 4.13 -21.78
CA PRO D 55 -23.66 2.98 -22.53
C PRO D 55 -22.14 2.95 -22.48
N ALA D 56 -21.60 1.79 -22.83
CA ALA D 56 -20.15 1.61 -22.81
C ALA D 56 -19.45 2.52 -23.80
N SER D 57 -20.13 2.91 -24.87
CA SER D 57 -19.52 3.82 -25.85
C SER D 57 -19.21 5.18 -25.22
N GLU D 58 -20.13 5.71 -24.42
CA GLU D 58 -19.93 6.99 -23.75
C GLU D 58 -19.18 6.86 -22.43
N ASN D 59 -18.95 5.65 -21.94
CA ASN D 59 -18.25 5.45 -20.68
C ASN D 59 -16.77 5.21 -20.96
N PRO D 60 -15.87 6.06 -20.46
CA PRO D 60 -14.44 5.85 -20.68
C PRO D 60 -13.82 4.75 -19.83
N PHE D 61 -14.61 3.97 -19.11
CA PHE D 61 -14.11 2.89 -18.28
C PHE D 61 -14.57 1.52 -18.77
N ARG D 62 -15.02 1.43 -20.02
CA ARG D 62 -15.48 0.14 -20.55
C ARG D 62 -14.31 -0.81 -20.77
N GLU D 63 -13.12 -0.29 -21.03
CA GLU D 63 -11.94 -1.12 -21.26
C GLU D 63 -11.24 -1.44 -19.95
N ASP E 1 19.19 26.46 -13.50
CA ASP E 1 18.49 26.37 -14.77
C ASP E 1 18.94 25.15 -15.57
N VAL E 2 18.13 24.74 -16.53
CA VAL E 2 18.45 23.58 -17.35
C VAL E 2 19.51 23.96 -18.37
N GLN E 3 20.61 23.21 -18.38
CA GLN E 3 21.72 23.48 -19.30
C GLN E 3 22.17 22.16 -19.92
N LEU E 4 22.31 22.16 -21.25
CA LEU E 4 22.78 20.99 -21.99
C LEU E 4 23.85 21.46 -22.97
N VAL E 5 25.12 21.23 -22.64
CA VAL E 5 26.24 21.62 -23.47
C VAL E 5 26.92 20.35 -23.98
N GLU E 6 27.23 20.34 -25.27
CA GLU E 6 27.85 19.20 -25.92
C GLU E 6 29.36 19.38 -26.02
N SER E 7 30.06 18.28 -26.30
CA SER E 7 31.51 18.30 -26.44
C SER E 7 31.91 17.16 -27.38
N GLY E 8 33.21 16.94 -27.52
CA GLY E 8 33.71 15.89 -28.38
C GLY E 8 33.43 16.10 -29.85
N GLY E 9 33.54 17.33 -30.33
CA GLY E 9 33.29 17.63 -31.73
C GLY E 9 34.52 18.11 -32.47
N GLY E 10 34.52 17.94 -33.78
CA GLY E 10 35.64 18.37 -34.60
C GLY E 10 35.71 17.58 -35.88
N LEU E 11 36.56 18.06 -36.79
CA LEU E 11 36.72 17.40 -38.08
C LEU E 11 37.41 16.05 -37.91
N VAL E 12 36.99 15.08 -38.73
CA VAL E 12 37.54 13.73 -38.68
C VAL E 12 37.36 13.10 -40.05
N GLN E 13 38.31 12.27 -40.44
CA GLN E 13 38.24 11.60 -41.73
C GLN E 13 37.07 10.61 -41.75
N PRO E 14 36.43 10.43 -42.91
CA PRO E 14 35.32 9.49 -43.00
C PRO E 14 35.76 8.07 -42.72
N GLY E 15 34.84 7.29 -42.14
CA GLY E 15 35.12 5.92 -41.78
C GLY E 15 35.65 5.73 -40.37
N GLY E 16 35.92 6.80 -39.64
CA GLY E 16 36.41 6.72 -38.28
C GLY E 16 35.28 6.70 -37.26
N SER E 17 35.66 6.88 -36.00
CA SER E 17 34.71 6.88 -34.90
C SER E 17 34.95 8.11 -34.04
N ARG E 18 33.85 8.79 -33.67
CA ARG E 18 33.90 9.97 -32.82
C ARG E 18 32.95 9.80 -31.65
N LYS E 19 33.36 10.30 -30.49
CA LYS E 19 32.58 10.19 -29.26
C LYS E 19 31.96 11.54 -28.95
N LEU E 20 30.64 11.57 -28.81
CA LEU E 20 29.90 12.78 -28.52
C LEU E 20 29.25 12.66 -27.14
N SER E 21 29.48 13.65 -26.29
CA SER E 21 28.93 13.66 -24.94
C SER E 21 28.37 15.03 -24.62
N CYS E 22 27.19 15.05 -24.01
CA CYS E 22 26.55 16.28 -23.56
C CYS E 22 26.35 16.22 -22.05
N SER E 23 26.76 17.28 -21.36
CA SER E 23 26.65 17.36 -19.91
C SER E 23 25.29 17.91 -19.52
N ALA E 24 24.61 17.24 -18.59
CA ALA E 24 23.29 17.63 -18.13
C ALA E 24 23.39 18.18 -16.71
N SER E 25 22.72 19.31 -16.48
CA SER E 25 22.70 19.93 -15.15
C SER E 25 21.44 20.75 -15.00
N GLY E 26 21.06 20.98 -13.75
CA GLY E 26 19.90 21.79 -13.44
C GLY E 26 18.57 21.08 -13.51
N PHE E 27 18.56 19.77 -13.79
CA PHE E 27 17.31 19.01 -13.88
C PHE E 27 17.60 17.56 -13.60
N ALA E 28 16.55 16.80 -13.35
CA ALA E 28 16.66 15.37 -13.03
C ALA E 28 17.00 14.62 -14.30
N PHE E 29 18.28 14.30 -14.48
CA PHE E 29 18.72 13.59 -15.67
C PHE E 29 18.24 12.14 -15.68
N SER E 30 18.04 11.55 -14.50
CA SER E 30 17.65 10.15 -14.40
C SER E 30 16.18 9.91 -14.73
N SER E 31 15.37 10.97 -14.86
CA SER E 31 13.94 10.83 -15.12
C SER E 31 13.53 11.42 -16.46
N PHE E 32 14.50 11.64 -17.36
CA PHE E 32 14.23 12.24 -18.66
C PHE E 32 14.70 11.31 -19.77
N GLY E 33 13.87 11.18 -20.81
CA GLY E 33 14.24 10.40 -21.97
C GLY E 33 15.02 11.21 -22.98
N MET E 34 16.33 11.04 -23.00
CA MET E 34 17.19 11.84 -23.86
C MET E 34 17.05 11.43 -25.32
N HIS E 35 17.09 12.40 -26.21
CA HIS E 35 17.00 12.21 -27.65
C HIS E 35 18.30 12.63 -28.33
N TRP E 36 18.30 12.57 -29.65
CA TRP E 36 19.44 13.01 -30.45
C TRP E 36 18.93 13.46 -31.81
N VAL E 37 19.01 14.76 -32.09
CA VAL E 37 18.55 15.33 -33.34
C VAL E 37 19.68 16.15 -33.93
N ARG E 38 19.94 15.98 -35.22
CA ARG E 38 21.02 16.67 -35.92
C ARG E 38 20.47 17.66 -36.93
N GLN E 39 21.15 18.79 -37.07
CA GLN E 39 20.80 19.83 -38.04
C GLN E 39 21.74 19.70 -39.23
N ALA E 40 21.23 19.15 -40.33
CA ALA E 40 22.02 19.06 -41.55
C ALA E 40 22.21 20.46 -42.14
N PRO E 41 23.40 20.76 -42.69
CA PRO E 41 23.61 22.09 -43.29
C PRO E 41 22.67 22.39 -44.45
N GLU E 42 22.32 21.38 -45.25
CA GLU E 42 21.46 21.56 -46.41
C GLU E 42 20.05 21.03 -46.18
N LYS E 43 19.70 20.68 -44.95
CA LYS E 43 18.37 20.16 -44.64
C LYS E 43 17.96 20.69 -43.26
N GLY E 44 16.90 20.11 -42.71
CA GLY E 44 16.38 20.49 -41.41
C GLY E 44 16.74 19.49 -40.34
N LEU E 45 15.99 19.55 -39.24
CA LEU E 45 16.20 18.63 -38.13
C LEU E 45 15.76 17.22 -38.50
N GLU E 46 16.41 16.23 -37.89
CA GLU E 46 16.04 14.84 -38.08
C GLU E 46 16.48 14.03 -36.86
N TRP E 47 15.59 13.16 -36.39
CA TRP E 47 15.88 12.34 -35.22
C TRP E 47 16.95 11.30 -35.54
N VAL E 48 17.76 10.98 -34.54
CA VAL E 48 18.83 10.01 -34.70
C VAL E 48 18.65 8.85 -33.73
N ALA E 49 18.67 9.14 -32.43
CA ALA E 49 18.59 8.10 -31.42
C ALA E 49 17.86 8.64 -30.19
N TYR E 50 17.35 7.71 -29.39
CA TYR E 50 16.64 8.05 -28.16
C TYR E 50 16.91 6.99 -27.12
N ILE E 51 17.03 7.41 -25.87
CA ILE E 51 17.19 6.51 -24.73
C ILE E 51 16.21 6.93 -23.65
N SER E 52 15.61 5.94 -22.99
CA SER E 52 14.64 6.20 -21.94
C SER E 52 15.34 6.40 -20.61
N SER E 53 14.56 6.62 -19.56
CA SER E 53 15.12 6.81 -18.23
C SER E 53 15.67 5.49 -17.70
N GLY E 54 16.91 5.53 -17.21
CA GLY E 54 17.53 4.32 -16.71
C GLY E 54 17.95 3.34 -17.77
N SER E 55 18.13 3.79 -19.02
CA SER E 55 18.52 2.93 -20.13
C SER E 55 17.53 1.78 -20.31
N GLY E 56 16.24 2.06 -20.14
CA GLY E 56 15.22 1.04 -20.28
C GLY E 56 14.90 0.73 -21.72
N THR E 57 14.44 1.73 -22.47
CA THR E 57 14.08 1.58 -23.88
C THR E 57 15.08 2.34 -24.72
N ILE E 58 15.73 1.64 -25.64
CA ILE E 58 16.73 2.23 -26.54
C ILE E 58 16.31 1.91 -27.97
N TYR E 59 15.89 2.93 -28.70
CA TYR E 59 15.46 2.79 -30.08
C TYR E 59 16.32 3.66 -30.99
N TYR E 60 16.41 3.27 -32.26
CA TYR E 60 17.19 3.99 -33.25
C TYR E 60 16.38 4.14 -34.53
N ALA E 61 16.72 5.18 -35.30
CA ALA E 61 16.10 5.38 -36.60
C ALA E 61 16.66 4.37 -37.60
N ASP E 62 15.86 4.10 -38.64
CA ASP E 62 16.28 3.14 -39.65
C ASP E 62 17.53 3.59 -40.39
N THR E 63 17.73 4.90 -40.54
CA THR E 63 18.91 5.41 -41.22
C THR E 63 20.19 5.07 -40.45
N VAL E 64 20.16 5.22 -39.13
CA VAL E 64 21.35 5.02 -38.31
C VAL E 64 21.17 3.78 -37.43
N LYS E 65 20.37 2.84 -37.88
CA LYS E 65 20.15 1.61 -37.12
C LYS E 65 21.41 0.76 -37.15
N GLY E 66 21.87 0.34 -35.97
CA GLY E 66 23.06 -0.48 -35.87
C GLY E 66 24.36 0.31 -35.92
N ARG E 67 24.44 1.27 -36.84
CA ARG E 67 25.65 2.07 -36.97
C ARG E 67 25.84 3.02 -35.80
N PHE E 68 24.75 3.51 -35.21
CA PHE E 68 24.80 4.46 -34.11
C PHE E 68 24.28 3.81 -32.84
N THR E 69 24.99 4.03 -31.74
CA THR E 69 24.58 3.54 -30.43
C THR E 69 24.58 4.69 -29.43
N ILE E 70 23.68 4.59 -28.45
CA ILE E 70 23.52 5.63 -27.43
C ILE E 70 23.61 4.98 -26.06
N SER E 71 24.38 5.62 -25.16
CA SER E 71 24.53 5.16 -23.80
C SER E 71 24.55 6.35 -22.86
N ARG E 72 23.89 6.20 -21.72
CA ARG E 72 23.83 7.26 -20.71
C ARG E 72 24.45 6.78 -19.41
N ASP E 73 25.04 7.71 -18.67
CA ASP E 73 25.67 7.44 -17.38
C ASP E 73 24.97 8.30 -16.34
N ASP E 74 23.98 7.71 -15.67
CA ASP E 74 23.23 8.43 -14.65
C ASP E 74 24.10 8.90 -13.49
N PRO E 75 24.97 8.07 -12.89
CA PRO E 75 25.87 8.59 -11.84
C PRO E 75 26.77 9.71 -12.33
N LYS E 76 27.23 9.66 -13.58
CA LYS E 76 28.08 10.71 -14.13
C LYS E 76 27.31 11.91 -14.64
N ASN E 77 25.98 11.81 -14.71
CA ASN E 77 25.12 12.91 -15.19
C ASN E 77 25.54 13.40 -16.56
N THR E 78 25.85 12.46 -17.46
CA THR E 78 26.32 12.80 -18.79
C THR E 78 25.80 11.78 -19.79
N LEU E 79 25.24 12.26 -20.89
CA LEU E 79 24.81 11.41 -21.99
C LEU E 79 25.93 11.23 -22.99
N PHE E 80 26.17 9.99 -23.39
CA PHE E 80 27.20 9.66 -24.37
C PHE E 80 26.57 9.22 -25.69
N LEU E 81 27.34 9.34 -26.76
CA LEU E 81 26.88 8.94 -28.08
C LEU E 81 28.09 8.44 -28.86
N GLN E 82 28.07 7.16 -29.24
CA GLN E 82 29.17 6.53 -29.96
C GLN E 82 28.71 6.15 -31.36
N MET E 83 29.55 6.45 -32.35
CA MET E 83 29.27 6.13 -33.75
C MET E 83 30.34 5.18 -34.27
N THR E 84 29.89 4.16 -34.99
CA THR E 84 30.82 3.16 -35.52
C THR E 84 31.57 3.70 -36.73
N SER E 85 30.84 4.07 -37.78
CA SER E 85 31.43 4.61 -39.00
C SER E 85 30.68 5.87 -39.40
N LEU E 86 31.44 6.89 -39.82
CA LEU E 86 30.87 8.16 -40.24
C LEU E 86 30.89 8.28 -41.76
N ARG E 87 29.97 9.10 -42.28
CA ARG E 87 29.85 9.31 -43.71
C ARG E 87 29.47 10.77 -43.96
N SER E 88 29.35 11.12 -45.24
CA SER E 88 28.99 12.49 -45.60
C SER E 88 27.55 12.81 -45.23
N GLU E 89 26.67 11.79 -45.21
CA GLU E 89 25.28 12.02 -44.86
C GLU E 89 25.10 12.27 -43.36
N ASP E 90 26.07 11.91 -42.54
CA ASP E 90 26.00 12.12 -41.10
C ASP E 90 26.67 13.41 -40.66
N THR E 91 27.17 14.22 -41.59
CA THR E 91 27.83 15.48 -41.26
C THR E 91 26.75 16.50 -40.92
N ALA E 92 26.59 16.80 -39.64
CA ALA E 92 25.58 17.74 -39.17
C ALA E 92 25.98 18.20 -37.77
N MET E 93 25.07 18.91 -37.11
CA MET E 93 25.27 19.40 -35.75
C MET E 93 24.20 18.79 -34.86
N TYR E 94 24.58 17.80 -34.06
CA TYR E 94 23.64 17.06 -33.24
C TYR E 94 23.17 17.90 -32.04
N TYR E 95 21.94 17.65 -31.61
CA TYR E 95 21.34 18.32 -30.47
C TYR E 95 21.09 17.31 -29.35
N CYS E 96 21.55 17.64 -28.15
CA CYS E 96 21.27 16.83 -26.96
C CYS E 96 19.93 17.30 -26.41
N VAL E 97 18.89 16.51 -26.62
CA VAL E 97 17.52 16.91 -26.33
C VAL E 97 16.98 16.05 -25.20
N ARG E 98 16.34 16.69 -24.22
CA ARG E 98 15.70 16.01 -23.12
C ARG E 98 14.19 15.89 -23.37
N SER E 99 13.58 14.90 -22.75
CA SER E 99 12.15 14.68 -22.91
C SER E 99 11.65 13.80 -21.77
N ILE E 100 10.48 14.16 -21.24
CA ILE E 100 9.81 13.38 -20.20
C ILE E 100 8.37 13.16 -20.64
N TYR E 101 7.85 11.96 -20.39
CA TYR E 101 6.55 11.55 -20.92
C TYR E 101 5.63 11.15 -19.77
N TYR E 102 4.49 11.85 -19.67
CA TYR E 102 3.39 11.46 -18.80
C TYR E 102 2.15 12.22 -19.27
N TYR E 103 1.06 12.05 -18.54
CA TYR E 103 -0.18 12.74 -18.89
C TYR E 103 -0.01 14.24 -18.68
N GLY E 104 -0.21 15.01 -19.75
CA GLY E 104 -0.03 16.45 -19.68
C GLY E 104 1.40 16.91 -19.79
N SER E 105 2.35 16.01 -20.02
CA SER E 105 3.74 16.38 -20.13
C SER E 105 4.02 17.04 -21.47
N SER E 106 5.15 17.76 -21.53
CA SER E 106 5.58 18.43 -22.75
C SER E 106 6.89 17.82 -23.23
N PRO E 107 6.86 16.94 -24.23
CA PRO E 107 8.11 16.35 -24.72
C PRO E 107 8.97 17.39 -25.43
N PHE E 108 10.29 17.13 -25.41
CA PHE E 108 11.29 17.99 -26.05
C PHE E 108 11.23 19.41 -25.50
N ASP E 109 11.50 19.54 -24.20
CA ASP E 109 11.48 20.84 -23.55
C ASP E 109 12.72 21.65 -23.88
N PHE E 110 13.90 21.13 -23.53
CA PHE E 110 15.16 21.83 -23.70
C PHE E 110 16.02 21.14 -24.75
N TRP E 111 16.64 21.94 -25.61
CA TRP E 111 17.53 21.45 -26.65
C TRP E 111 18.95 21.91 -26.37
N GLY E 112 19.91 21.01 -26.56
CA GLY E 112 21.29 21.34 -26.29
C GLY E 112 21.87 22.32 -27.30
N GLN E 113 23.00 22.91 -26.92
CA GLN E 113 23.67 23.86 -27.81
C GLN E 113 24.16 23.18 -29.08
N GLY E 114 24.76 22.00 -28.95
CA GLY E 114 25.21 21.24 -30.09
C GLY E 114 26.66 21.53 -30.46
N THR E 115 27.26 20.58 -31.17
CA THR E 115 28.62 20.70 -31.66
C THR E 115 28.65 20.30 -33.13
N THR E 116 29.60 20.88 -33.86
CA THR E 116 29.71 20.69 -35.31
C THR E 116 30.92 19.81 -35.61
N LEU E 117 30.70 18.80 -36.45
CA LEU E 117 31.77 17.93 -36.92
C LEU E 117 31.63 17.77 -38.44
N THR E 118 32.77 17.67 -39.12
CA THR E 118 32.80 17.58 -40.57
C THR E 118 33.71 16.43 -40.99
N VAL E 119 33.49 15.95 -42.21
CA VAL E 119 34.28 14.87 -42.79
C VAL E 119 34.87 15.35 -44.11
N SER E 120 35.96 14.70 -44.50
CA SER E 120 36.65 15.05 -45.75
C SER E 120 37.40 13.85 -46.32
N GLY E 134 13.40 4.74 -44.65
CA GLY E 134 12.34 5.50 -45.30
C GLY E 134 11.15 4.65 -45.68
N GLY E 135 10.86 3.63 -44.86
CA GLY E 135 9.75 2.75 -45.10
C GLY E 135 8.82 2.67 -43.91
N SER E 136 7.52 2.65 -44.19
CA SER E 136 6.48 2.59 -43.16
C SER E 136 6.63 3.74 -42.16
N ASP E 137 6.95 4.92 -42.67
CA ASP E 137 7.14 6.12 -41.86
C ASP E 137 6.10 7.17 -42.25
N ILE E 138 6.06 8.24 -41.45
CA ILE E 138 5.15 9.36 -41.68
C ILE E 138 5.98 10.56 -42.09
N VAL E 139 5.63 11.18 -43.21
CA VAL E 139 6.33 12.34 -43.74
C VAL E 139 5.44 13.56 -43.62
N MET E 140 6.02 14.68 -43.19
CA MET E 140 5.31 15.93 -43.05
C MET E 140 5.39 16.71 -44.36
N THR E 141 4.23 17.01 -44.95
CA THR E 141 4.17 17.71 -46.23
C THR E 141 4.04 19.20 -45.96
N GLN E 142 5.14 19.93 -46.11
CA GLN E 142 5.18 21.38 -45.95
C GLN E 142 5.43 21.98 -47.32
N ALA E 143 4.34 22.37 -48.01
CA ALA E 143 4.47 22.90 -49.36
C ALA E 143 5.26 24.20 -49.37
N THR E 144 5.00 25.08 -48.42
CA THR E 144 5.68 26.37 -48.36
C THR E 144 7.01 26.24 -47.62
N SER E 145 7.97 27.07 -48.01
CA SER E 145 9.28 27.12 -47.39
C SER E 145 9.61 28.47 -46.78
N SER E 146 9.24 29.56 -47.44
CA SER E 146 9.44 30.91 -46.93
C SER E 146 8.14 31.68 -47.04
N VAL E 147 7.70 32.27 -45.94
CA VAL E 147 6.46 33.03 -45.89
C VAL E 147 6.81 34.46 -45.48
N PRO E 148 6.90 35.38 -46.45
CA PRO E 148 7.17 36.78 -46.12
C PRO E 148 5.92 37.46 -45.57
N VAL E 149 5.99 37.93 -44.33
CA VAL E 149 4.87 38.56 -43.65
C VAL E 149 5.36 39.85 -42.99
N THR E 150 4.40 40.64 -42.52
CA THR E 150 4.68 41.89 -41.83
C THR E 150 4.43 41.75 -40.34
N PRO E 151 5.20 42.45 -39.50
CA PRO E 151 4.97 42.36 -38.05
C PRO E 151 3.58 42.88 -37.68
N GLY E 152 2.99 42.25 -36.67
CA GLY E 152 1.68 42.63 -36.21
C GLY E 152 0.52 42.08 -37.01
N GLU E 153 0.79 41.24 -38.01
CA GLU E 153 -0.25 40.67 -38.85
C GLU E 153 -0.55 39.24 -38.40
N SER E 154 -1.49 38.61 -39.09
CA SER E 154 -1.90 37.24 -38.81
C SER E 154 -1.17 36.29 -39.75
N VAL E 155 -0.50 35.28 -39.19
CA VAL E 155 0.27 34.32 -39.95
C VAL E 155 -0.28 32.93 -39.65
N SER E 156 -0.58 32.18 -40.72
CA SER E 156 -1.09 30.82 -40.61
C SER E 156 -0.14 29.87 -41.31
N ILE E 157 0.27 28.82 -40.60
CA ILE E 157 1.17 27.81 -41.13
C ILE E 157 0.45 26.47 -41.10
N SER E 158 0.41 25.79 -42.22
CA SER E 158 -0.29 24.52 -42.36
C SER E 158 0.68 23.36 -42.41
N CYS E 159 0.23 22.21 -41.91
CA CYS E 159 1.03 21.00 -41.92
C CYS E 159 0.10 19.81 -42.12
N ARG E 160 0.67 18.72 -42.62
CA ARG E 160 -0.11 17.50 -42.88
C ARG E 160 0.79 16.29 -42.70
N SER E 161 0.14 15.14 -42.51
CA SER E 161 0.84 13.88 -42.28
C SER E 161 0.30 12.83 -43.25
N SER E 162 1.04 11.73 -43.37
CA SER E 162 0.63 10.65 -44.26
C SER E 162 -0.69 10.04 -43.80
N LYS E 163 -0.85 9.82 -42.50
CA LYS E 163 -2.07 9.26 -41.93
C LYS E 163 -2.55 10.15 -40.79
N SER E 164 -3.85 10.03 -40.49
CA SER E 164 -4.44 10.82 -39.42
C SER E 164 -3.79 10.48 -38.08
N LEU E 165 -3.48 11.53 -37.31
CA LEU E 165 -2.84 11.37 -36.01
C LEU E 165 -3.83 11.23 -34.87
N LEU E 166 -5.13 11.21 -35.16
CA LEU E 166 -6.13 11.06 -34.11
C LEU E 166 -6.21 9.61 -33.66
N HIS E 167 -5.83 9.36 -32.41
CA HIS E 167 -5.86 8.02 -31.85
C HIS E 167 -7.19 7.78 -31.14
N SER E 168 -7.33 6.59 -30.54
CA SER E 168 -8.56 6.25 -29.83
C SER E 168 -8.70 7.03 -28.53
N ASN E 169 -7.61 7.56 -27.98
CA ASN E 169 -7.70 8.32 -26.74
C ASN E 169 -8.51 9.59 -26.93
N GLY E 170 -8.30 10.31 -28.03
CA GLY E 170 -9.11 11.48 -28.33
C GLY E 170 -8.31 12.71 -28.68
N ASN E 171 -6.99 12.63 -28.68
CA ASN E 171 -6.13 13.76 -28.99
C ASN E 171 -5.07 13.35 -30.00
N THR E 172 -4.67 14.31 -30.83
CA THR E 172 -3.63 14.08 -31.83
C THR E 172 -2.27 14.44 -31.27
N TYR E 173 -1.25 13.71 -31.71
CA TYR E 173 0.12 13.91 -31.24
C TYR E 173 0.88 14.72 -32.29
N LEU E 174 0.68 16.03 -32.24
CA LEU E 174 1.31 16.97 -33.16
C LEU E 174 2.19 17.93 -32.37
N TYR E 175 3.46 18.04 -32.76
CA TYR E 175 4.42 18.90 -32.10
C TYR E 175 4.89 19.99 -33.04
N TRP E 176 5.05 21.20 -32.50
CA TRP E 176 5.53 22.35 -33.27
C TRP E 176 6.81 22.87 -32.64
N PHE E 177 7.77 23.24 -33.48
CA PHE E 177 9.06 23.75 -33.03
C PHE E 177 9.44 24.98 -33.86
N LEU E 178 10.27 25.84 -33.25
CA LEU E 178 10.75 27.04 -33.90
C LEU E 178 12.23 27.20 -33.58
N GLN E 179 13.06 27.25 -34.62
CA GLN E 179 14.51 27.31 -34.46
C GLN E 179 14.98 28.71 -34.84
N ARG E 180 15.41 29.47 -33.84
CA ARG E 180 15.97 30.79 -34.10
C ARG E 180 17.30 30.65 -34.85
N PRO E 181 17.62 31.60 -35.73
CA PRO E 181 18.88 31.52 -36.47
C PRO E 181 20.08 31.72 -35.54
N GLY E 182 20.90 30.69 -35.44
CA GLY E 182 22.11 30.75 -34.64
C GLY E 182 22.04 30.12 -33.27
N GLN E 183 20.92 29.49 -32.91
CA GLN E 183 20.78 28.87 -31.60
C GLN E 183 19.84 27.67 -31.71
N SER E 184 19.75 26.92 -30.62
CA SER E 184 18.93 25.73 -30.59
C SER E 184 17.44 26.09 -30.62
N PRO E 185 16.60 25.23 -31.17
CA PRO E 185 15.16 25.49 -31.21
C PRO E 185 14.54 25.28 -29.84
N GLN E 186 13.21 25.43 -29.80
CA GLN E 186 12.44 25.25 -28.58
C GLN E 186 11.05 24.77 -28.93
N LEU E 187 10.40 24.14 -27.96
CA LEU E 187 9.05 23.62 -28.16
C LEU E 187 8.02 24.74 -28.05
N LEU E 188 7.06 24.73 -28.98
CA LEU E 188 5.97 25.70 -28.99
C LEU E 188 4.62 25.06 -28.72
N ILE E 189 4.25 24.03 -29.48
CA ILE E 189 3.00 23.30 -29.31
C ILE E 189 3.35 21.83 -29.09
N TYR E 190 2.79 21.25 -28.02
CA TYR E 190 3.08 19.87 -27.66
C TYR E 190 1.86 18.96 -27.78
N ARG E 191 0.76 19.45 -28.34
CA ARG E 191 -0.43 18.64 -28.57
C ARG E 191 -1.27 19.30 -29.65
N MET E 192 -2.53 18.90 -29.76
CA MET E 192 -3.39 19.41 -30.82
C MET E 192 -3.63 20.90 -30.67
N SER E 193 -4.10 21.34 -29.49
CA SER E 193 -4.56 22.72 -29.35
C SER E 193 -4.19 23.33 -28.00
N ASN E 194 -3.05 22.94 -27.42
CA ASN E 194 -2.61 23.53 -26.17
C ASN E 194 -1.21 24.13 -26.31
N LEU E 195 -0.89 25.04 -25.41
CA LEU E 195 0.36 25.79 -25.43
C LEU E 195 1.36 25.19 -24.46
N ALA E 196 2.64 25.29 -24.81
CA ALA E 196 3.71 24.78 -23.98
C ALA E 196 4.05 25.81 -22.90
N SER E 197 5.11 25.53 -22.13
CA SER E 197 5.54 26.42 -21.07
C SER E 197 6.55 27.43 -21.59
N GLY E 198 6.40 28.68 -21.19
CA GLY E 198 7.29 29.73 -21.64
C GLY E 198 7.00 30.26 -23.03
N VAL E 199 5.84 29.95 -23.59
CA VAL E 199 5.45 30.38 -24.93
C VAL E 199 4.30 31.36 -24.79
N PRO E 200 4.37 32.53 -25.42
CA PRO E 200 3.27 33.51 -25.32
C PRO E 200 1.99 32.96 -25.94
N ASP E 201 0.87 33.46 -25.42
CA ASP E 201 -0.45 32.92 -25.75
C ASP E 201 -0.97 33.35 -27.12
N ARG E 202 -0.14 33.96 -27.97
CA ARG E 202 -0.61 34.35 -29.29
C ARG E 202 -0.77 33.17 -30.23
N PHE E 203 -0.05 32.07 -29.98
CA PHE E 203 -0.17 30.88 -30.81
C PHE E 203 -1.45 30.12 -30.49
N SER E 204 -2.05 29.52 -31.51
CA SER E 204 -3.29 28.76 -31.34
C SER E 204 -3.36 27.72 -32.45
N GLY E 205 -3.14 26.45 -32.10
CA GLY E 205 -3.23 25.39 -33.07
C GLY E 205 -4.65 24.93 -33.29
N SER E 206 -4.88 24.34 -34.47
CA SER E 206 -6.19 23.85 -34.85
C SER E 206 -6.03 22.79 -35.93
N GLY E 207 -7.15 22.17 -36.29
CA GLY E 207 -7.13 21.16 -37.32
C GLY E 207 -8.34 20.25 -37.19
N SER E 208 -8.34 19.20 -38.02
CA SER E 208 -9.42 18.23 -38.02
C SER E 208 -8.91 16.79 -38.09
N GLY E 209 -7.66 16.55 -37.71
CA GLY E 209 -7.10 15.22 -37.75
C GLY E 209 -5.94 15.09 -38.71
N THR E 210 -6.04 15.73 -39.86
CA THR E 210 -4.98 15.69 -40.87
C THR E 210 -4.53 17.09 -41.30
N ALA E 211 -5.44 18.05 -41.39
CA ALA E 211 -5.11 19.40 -41.82
C ALA E 211 -4.67 20.24 -40.62
N PHE E 212 -3.45 19.96 -40.16
CA PHE E 212 -2.90 20.68 -39.03
C PHE E 212 -2.54 22.11 -39.44
N THR E 213 -2.94 23.07 -38.61
CA THR E 213 -2.67 24.48 -38.87
C THR E 213 -2.19 25.14 -37.58
N LEU E 214 -1.42 26.22 -37.74
CA LEU E 214 -0.89 26.99 -36.62
C LEU E 214 -1.17 28.46 -36.88
N THR E 215 -2.04 29.06 -36.08
CA THR E 215 -2.42 30.45 -36.24
C THR E 215 -1.58 31.33 -35.33
N ILE E 216 -0.95 32.35 -35.91
CA ILE E 216 -0.11 33.28 -35.17
C ILE E 216 -0.68 34.67 -35.33
N SER E 217 -0.90 35.36 -34.22
CA SER E 217 -1.44 36.71 -34.20
C SER E 217 -0.48 37.65 -33.51
N ARG E 218 -0.34 38.86 -34.05
CA ARG E 218 0.59 39.87 -33.53
C ARG E 218 2.02 39.34 -33.50
N LEU E 219 2.51 39.01 -34.69
CA LEU E 219 3.85 38.43 -34.83
C LEU E 219 4.90 39.50 -34.67
N GLU E 220 5.90 39.24 -33.82
CA GLU E 220 6.98 40.16 -33.57
C GLU E 220 8.22 39.75 -34.38
N ALA E 221 9.29 40.53 -34.23
CA ALA E 221 10.54 40.26 -34.94
C ALA E 221 11.26 39.02 -34.45
N GLU E 222 10.85 38.46 -33.31
CA GLU E 222 11.49 37.27 -32.76
C GLU E 222 11.05 35.98 -33.47
N ASP E 223 9.97 36.03 -34.24
CA ASP E 223 9.44 34.85 -34.91
C ASP E 223 10.05 34.62 -36.28
N VAL E 224 11.26 35.14 -36.53
CA VAL E 224 11.92 34.93 -37.82
C VAL E 224 12.57 33.56 -37.92
N GLY E 225 12.40 32.70 -36.92
CA GLY E 225 13.01 31.39 -36.96
C GLY E 225 12.29 30.44 -37.89
N VAL E 226 12.89 29.25 -38.05
CA VAL E 226 12.38 28.24 -38.95
C VAL E 226 11.43 27.33 -38.17
N TYR E 227 10.20 27.20 -38.66
CA TYR E 227 9.23 26.33 -38.04
C TYR E 227 9.49 24.87 -38.41
N TYR E 228 8.96 23.97 -37.58
CA TYR E 228 9.12 22.54 -37.80
C TYR E 228 7.84 21.83 -37.37
N CYS E 229 7.48 20.79 -38.11
CA CYS E 229 6.29 19.99 -37.84
C CYS E 229 6.71 18.57 -37.47
N MET E 230 6.22 18.09 -36.33
CA MET E 230 6.54 16.75 -35.85
C MET E 230 5.26 15.97 -35.61
N GLN E 231 5.33 14.68 -35.91
CA GLN E 231 4.29 13.72 -35.58
C GLN E 231 4.82 12.75 -34.54
N HIS E 232 3.91 12.19 -33.74
CA HIS E 232 4.34 11.27 -32.69
C HIS E 232 3.40 10.08 -32.53
N LEU E 233 2.34 9.97 -33.33
CA LEU E 233 1.50 8.78 -33.28
C LEU E 233 2.29 7.53 -33.64
N GLU E 234 3.10 7.62 -34.68
CA GLU E 234 4.08 6.58 -34.98
C GLU E 234 5.42 6.99 -34.39
N TYR E 235 6.12 6.02 -33.80
CA TYR E 235 7.36 6.33 -33.08
C TYR E 235 8.41 7.02 -33.94
N PRO E 236 8.70 6.58 -35.17
CA PRO E 236 9.75 7.27 -35.96
C PRO E 236 9.42 8.75 -36.13
N LEU E 237 10.27 9.60 -35.54
CA LEU E 237 10.06 11.03 -35.53
C LEU E 237 10.62 11.64 -36.81
N THR E 238 9.78 12.33 -37.57
CA THR E 238 10.18 12.98 -38.81
C THR E 238 9.77 14.44 -38.74
N PHE E 239 10.73 15.35 -38.94
CA PHE E 239 10.44 16.77 -38.92
C PHE E 239 9.83 17.21 -40.25
N GLY E 240 9.36 18.44 -40.28
CA GLY E 240 8.83 19.03 -41.50
C GLY E 240 9.93 19.54 -42.41
N ALA E 241 9.51 20.08 -43.56
CA ALA E 241 10.46 20.63 -44.50
C ALA E 241 11.20 21.83 -43.91
N GLY E 242 10.48 22.67 -43.16
CA GLY E 242 11.08 23.84 -42.55
C GLY E 242 10.59 25.14 -43.16
N THR E 243 9.68 25.81 -42.47
CA THR E 243 9.11 27.08 -42.92
C THR E 243 9.92 28.21 -42.29
N LYS E 244 10.78 28.83 -43.08
CA LYS E 244 11.63 29.92 -42.62
C LYS E 244 10.91 31.24 -42.87
N LEU E 245 10.50 31.91 -41.79
CA LEU E 245 9.80 33.18 -41.88
C LEU E 245 10.81 34.31 -41.97
N GLU E 246 10.70 35.14 -43.01
CA GLU E 246 11.61 36.25 -43.23
C GLU E 246 10.80 37.53 -43.32
N LEU E 247 11.22 38.56 -42.59
CA LEU E 247 10.54 39.85 -42.61
C LEU E 247 10.81 40.57 -43.92
O2B 6AD F . 2.23 -56.11 -2.08
PB 6AD F . 3.09 -54.96 -2.54
O3B 6AD F . 2.26 -53.71 -2.59
O1B 6AD F . 3.63 -55.26 -3.92
O3A 6AD F . 4.35 -54.75 -1.49
PA 6AD F . 5.69 -53.81 -1.88
O2A 6AD F . 6.65 -53.79 -0.73
O1A 6AD F . 5.23 -52.43 -2.22
O5' 6AD F . 6.45 -54.45 -3.19
C5' 6AD F . 7.71 -53.92 -3.54
C4' 6AD F . 8.81 -54.89 -3.02
O4' 6AD F . 8.34 -55.61 -2.01
C3' 6AD F . 9.22 -55.90 -4.15
O3' 6AD F . 10.41 -55.48 -4.75
C2' 6AD F . 9.45 -57.23 -3.44
O2' 6AD F . 10.75 -57.37 -3.10
C1' 6AD F . 8.69 -57.16 -2.32
N9 6AD F . 7.31 -57.69 -2.12
C8 6AD F . 6.21 -57.27 -2.72
N7 6AD F . 5.15 -57.99 -2.28
C5 6AD F . 5.61 -58.88 -1.38
C4 6AD F . 6.99 -58.70 -1.28
N3 6AD F . 7.71 -59.47 -0.44
C2 6AD F . 7.10 -60.43 0.29
S1 6AD F . 8.12 -61.48 1.43
C11 6AD F . 9.43 -62.29 0.46
N1 6AD F . 5.80 -60.63 0.21
C6 6AD F . 5.01 -59.89 -0.60
N6 6AD F . 3.57 -60.13 -0.68
#